data_9FW3
#
_entry.id   9FW3
#
loop_
_entity.id
_entity.type
_entity.pdbx_description
1 polymer 'Mycobactin import ATP-binding/permease protein IrtA'
2 polymer 'Mycobactin import ATP-binding/permease protein IrtB'
3 non-polymer "ADENOSINE-5'-TRIPHOSPHATE"
4 non-polymer 'MAGNESIUM ION'
5 non-polymer 'ZINC ION'
6 non-polymer 'Mycobactin S'
#
loop_
_entity_poly.entity_id
_entity_poly.type
_entity_poly.pdbx_seq_one_letter_code
_entity_poly.pdbx_strand_id
1 'polypeptide(L)'
;SRAEAGSRLLAPLKKPLIVSGVLQALITLIELAPFVLLVELARLLLGGAEAERLWTLGLTAVSLIGLGAVLAAAMTLWLH
RVDARFAHELRGRLLTKLSRLPLGWFTRRGSASTKQLVQDDTLALHYLITHAIPDAVAAVVAPVAVLVYLFVADWRVALV
LFIPVLVYLVLMSVMTIQSGSKIAQAPRWAERMGGEAGAFLEGQPVIRIFGGAAASRFRRRLDDYIDFLVSWQRPFVGKK
TLMDLVTRPATFLWIILVAGVPLVVTGRMDPVNLLPFLLLGTTFGARLLGIGYGLSGIQTGMLAARRIQTVLDEPELVVR
DRTGQAGTDHASGDQARPGTVELDRVSFEYRPGVPVIRDVTLTLRPGTVTALVGPSGSGKSTLAALVARFHDVTQGAIRV
DGRDIRTLTADELYRRVGFVLQDAQLVHGSVAENIALAEPDAGLERIRTAARDAQIHDRITRMPDGYDSVLGAGSALSGG
ERQRVTIARAILADTPVLVLDQATAFADPESEYLVQQAINRLTRDRTVLVIAHRLHTITHADQIVVLDDGRIVEVGTHDE
LLAAGGRYRGLWDSGRYSSPDAGRPVSADAVEVGR
;
A
2 'polypeptide(L)'
;MIRTLLRLVPAEKRGAVAGYAVLTLLSVLLRAVGAVLLIPLLAALFSDTPSDAWLWLGWLTAVTLAGWVTDTNTARLGFD
LGFAVLSRTQHDMADRLPNVAMSWFTPDNTATARQAIAATGPELAGLVVNLLTPLIGAALLPAAIGVALLFVSVPLGLAA
LAGVAVLFGALALSGRLSRAADKVAGETNSAFTERIIEFARTQQALRAARRVEPARSQVGSALAAQHGAGLRLLTMQIPG
QVLFSLAGQVALIGFAGMAVWLTVRGQLGVPEAIALIVVLVRYLEPFAAIADLAPALETTRATLNRIQAVLDAPTLPAGR
RRLDRTGAAPSIEFDDVRFSYGDEVVLDGVSFTLRPGNTTAIVGPSGSGKTTILSLIAGLQQPASGRVLLDGVDVTTLDP
EARRAAVSVVFQHPYLFDGTLRDNVLVGDPEADPDDVTAAMRLARVDELLDRLPDGDATVVGEGGTALSGGERQRVSIAR
ALLKPAPVLLVDQATSALDNANEAAVVDALTADPRPRTRVIVAHRLASIRHADRVLFVEAGRVVEDGAIDELLAAGGRFA
QFWAQQQAASEWAIGSTARALEVLFQ
;
B
#
# COMPACT_ATOMS: atom_id res chain seq x y z
N ALA A 5 -4.44 24.47 -2.46
CA ALA A 5 -4.33 24.96 -1.09
C ALA A 5 -3.01 24.54 -0.47
N GLY A 6 -1.96 24.53 -1.27
CA GLY A 6 -0.64 24.19 -0.76
C GLY A 6 0.02 25.32 -0.01
N SER A 7 -0.31 26.57 -0.34
CA SER A 7 0.23 27.70 0.40
C SER A 7 -0.24 27.67 1.84
N ARG A 8 -1.53 27.42 2.06
CA ARG A 8 -2.06 27.38 3.42
C ARG A 8 -1.49 26.21 4.20
N LEU A 9 -1.27 25.07 3.53
CA LEU A 9 -0.71 23.91 4.21
C LEU A 9 0.76 24.13 4.57
N LEU A 10 1.53 24.74 3.68
CA LEU A 10 2.98 24.88 3.82
C LEU A 10 3.38 26.23 4.39
N ALA A 11 2.43 27.04 4.84
CA ALA A 11 2.77 28.26 5.57
C ALA A 11 3.69 28.05 6.77
N PRO A 12 3.58 26.99 7.57
CA PRO A 12 4.52 26.83 8.69
C PRO A 12 5.98 26.76 8.27
N LEU A 13 6.27 26.35 7.04
CA LEU A 13 7.62 26.30 6.52
C LEU A 13 8.03 27.57 5.78
N LYS A 14 7.42 28.71 6.14
CA LYS A 14 7.68 29.96 5.41
C LYS A 14 9.15 30.36 5.53
N LYS A 15 9.70 30.31 6.73
CA LYS A 15 11.05 30.79 6.99
C LYS A 15 12.11 29.77 6.57
N PRO A 16 11.95 28.46 6.87
CA PRO A 16 12.92 27.49 6.36
C PRO A 16 13.07 27.49 4.85
N LEU A 17 11.99 27.71 4.09
CA LEU A 17 12.11 27.68 2.63
C LEU A 17 12.84 28.90 2.11
N ILE A 18 12.58 30.08 2.67
CA ILE A 18 13.31 31.28 2.29
C ILE A 18 14.78 31.14 2.65
N VAL A 19 15.06 30.59 3.84
CA VAL A 19 16.44 30.34 4.25
C VAL A 19 17.10 29.37 3.29
N SER A 20 16.38 28.34 2.87
CA SER A 20 16.93 27.40 1.90
C SER A 20 17.28 28.09 0.59
N GLY A 21 16.41 28.96 0.11
CA GLY A 21 16.68 29.66 -1.13
C GLY A 21 17.92 30.54 -1.05
N VAL A 22 18.01 31.36 0.00
CA VAL A 22 19.14 32.28 0.10
C VAL A 22 20.44 31.52 0.36
N LEU A 23 20.39 30.51 1.23
CA LEU A 23 21.58 29.71 1.50
C LEU A 23 22.01 28.94 0.26
N GLN A 24 21.07 28.50 -0.58
CA GLN A 24 21.44 27.80 -1.79
C GLN A 24 22.03 28.74 -2.83
N ALA A 25 21.57 29.98 -2.87
CA ALA A 25 22.24 30.99 -3.71
C ALA A 25 23.69 31.16 -3.29
N LEU A 26 23.92 31.29 -1.98
CA LEU A 26 25.29 31.40 -1.49
C LEU A 26 26.10 30.14 -1.80
N ILE A 27 25.48 28.96 -1.65
CA ILE A 27 26.20 27.71 -1.87
C ILE A 27 26.59 27.55 -3.32
N THR A 28 25.70 27.91 -4.25
CA THR A 28 26.05 27.78 -5.66
C THR A 28 27.10 28.80 -6.07
N LEU A 29 27.08 30.01 -5.48
CA LEU A 29 28.17 30.93 -5.73
C LEU A 29 29.51 30.38 -5.22
N ILE A 30 29.51 29.79 -4.03
CA ILE A 30 30.72 29.19 -3.48
C ILE A 30 31.17 28.01 -4.34
N GLU A 31 30.23 27.31 -4.96
CA GLU A 31 30.58 26.19 -5.83
C GLU A 31 31.14 26.65 -7.17
N LEU A 32 30.72 27.83 -7.63
CA LEU A 32 31.26 28.36 -8.88
C LEU A 32 32.62 29.04 -8.69
N ALA A 33 32.91 29.54 -7.48
CA ALA A 33 34.18 30.23 -7.25
C ALA A 33 35.43 29.41 -7.56
N PRO A 34 35.51 28.11 -7.21
CA PRO A 34 36.71 27.34 -7.56
C PRO A 34 37.06 27.35 -9.03
N PHE A 35 36.07 27.34 -9.92
CA PHE A 35 36.37 27.31 -11.34
C PHE A 35 36.84 28.66 -11.85
N VAL A 36 36.39 29.76 -11.24
CA VAL A 36 37.00 31.06 -11.54
C VAL A 36 38.45 31.06 -11.11
N LEU A 37 38.74 30.53 -9.93
CA LEU A 37 40.13 30.45 -9.49
C LEU A 37 40.95 29.55 -10.40
N LEU A 38 40.34 28.48 -10.92
CA LEU A 38 41.07 27.59 -11.83
C LEU A 38 41.31 28.25 -13.18
N VAL A 39 40.38 29.08 -13.65
CA VAL A 39 40.61 29.85 -14.86
C VAL A 39 41.79 30.79 -14.66
N GLU A 40 41.86 31.45 -13.50
CA GLU A 40 42.99 32.32 -13.21
C GLU A 40 44.29 31.51 -13.11
N LEU A 41 44.21 30.31 -12.51
CA LEU A 41 45.39 29.44 -12.42
C LEU A 41 45.88 29.05 -13.80
N ALA A 42 44.97 28.71 -14.71
CA ALA A 42 45.37 28.36 -16.07
C ALA A 42 45.99 29.56 -16.78
N ARG A 43 45.41 30.75 -16.59
CA ARG A 43 45.98 31.95 -17.21
C ARG A 43 47.39 32.21 -16.70
N LEU A 44 47.62 32.01 -15.40
CA LEU A 44 48.97 32.16 -14.86
C LEU A 44 49.90 31.07 -15.37
N LEU A 45 49.38 29.85 -15.56
CA LEU A 45 50.21 28.77 -16.11
C LEU A 45 50.69 29.09 -17.51
N LEU A 46 49.81 29.62 -18.36
CA LEU A 46 50.24 29.99 -19.70
C LEU A 46 51.25 31.13 -19.68
N GLY A 47 51.17 32.01 -18.68
CA GLY A 47 52.10 33.10 -18.53
C GLY A 47 53.39 32.76 -17.81
N GLY A 48 53.58 31.51 -17.40
CA GLY A 48 54.78 31.12 -16.70
C GLY A 48 54.93 31.79 -15.35
N ALA A 49 53.85 31.87 -14.57
CA ALA A 49 53.89 32.54 -13.29
C ALA A 49 54.69 31.73 -12.28
N GLU A 50 55.12 32.40 -11.22
CA GLU A 50 55.90 31.74 -10.17
C GLU A 50 55.05 30.69 -9.47
N ALA A 51 55.74 29.67 -8.93
CA ALA A 51 55.04 28.53 -8.34
C ALA A 51 54.21 28.93 -7.12
N GLU A 52 54.59 30.01 -6.43
CA GLU A 52 53.87 30.41 -5.23
C GLU A 52 52.42 30.78 -5.55
N ARG A 53 52.23 31.60 -6.59
CA ARG A 53 50.87 31.99 -6.97
C ARG A 53 50.05 30.79 -7.42
N LEU A 54 50.67 29.88 -8.18
CA LEU A 54 49.96 28.71 -8.65
C LEU A 54 49.54 27.83 -7.48
N TRP A 55 50.42 27.63 -6.50
CA TRP A 55 50.06 26.84 -5.32
C TRP A 55 48.95 27.52 -4.54
N THR A 56 49.01 28.84 -4.40
CA THR A 56 47.96 29.56 -3.68
C THR A 56 46.61 29.38 -4.36
N LEU A 57 46.56 29.57 -5.68
CA LEU A 57 45.31 29.43 -6.41
C LEU A 57 44.78 28.01 -6.34
N GLY A 58 45.65 27.01 -6.52
CA GLY A 58 45.20 25.63 -6.48
C GLY A 58 44.67 25.23 -5.12
N LEU A 59 45.39 25.60 -4.06
CA LEU A 59 44.94 25.28 -2.71
C LEU A 59 43.63 25.99 -2.39
N THR A 60 43.50 27.26 -2.80
CA THR A 60 42.26 27.97 -2.55
C THR A 60 41.09 27.33 -3.28
N ALA A 61 41.29 26.94 -4.54
CA ALA A 61 40.22 26.30 -5.29
C ALA A 61 39.82 24.97 -4.65
N VAL A 62 40.79 24.18 -4.22
CA VAL A 62 40.48 22.88 -3.60
C VAL A 62 39.73 23.10 -2.29
N SER A 63 40.18 24.05 -1.47
CA SER A 63 39.51 24.31 -0.20
C SER A 63 38.10 24.83 -0.42
N LEU A 64 37.89 25.64 -1.47
CA LEU A 64 36.55 26.12 -1.76
C LEU A 64 35.65 25.01 -2.26
N ILE A 65 36.20 24.04 -3.02
CA ILE A 65 35.41 22.88 -3.42
C ILE A 65 34.97 22.11 -2.17
N GLY A 66 35.90 21.90 -1.24
CA GLY A 66 35.54 21.20 -0.01
C GLY A 66 34.50 21.95 0.80
N LEU A 67 34.65 23.28 0.91
CA LEU A 67 33.69 24.09 1.63
C LEU A 67 32.30 24.01 1.00
N GLY A 68 32.23 24.16 -0.32
CA GLY A 68 30.95 24.06 -0.99
C GLY A 68 30.30 22.71 -0.79
N ALA A 69 31.09 21.64 -0.85
CA ALA A 69 30.55 20.30 -0.64
C ALA A 69 30.00 20.15 0.77
N VAL A 70 30.75 20.59 1.78
CA VAL A 70 30.31 20.39 3.15
C VAL A 70 29.09 21.26 3.45
N LEU A 71 29.04 22.46 2.88
CA LEU A 71 27.88 23.33 3.08
C LEU A 71 26.64 22.76 2.42
N ALA A 72 26.77 22.24 1.20
CA ALA A 72 25.62 21.62 0.54
C ALA A 72 25.14 20.40 1.32
N ALA A 73 26.07 19.58 1.82
CA ALA A 73 25.67 18.42 2.61
C ALA A 73 24.94 18.83 3.88
N ALA A 74 25.45 19.84 4.58
CA ALA A 74 24.81 20.29 5.81
C ALA A 74 23.42 20.88 5.52
N MET A 75 23.29 21.64 4.44
CA MET A 75 21.99 22.21 4.11
C MET A 75 20.99 21.12 3.76
N THR A 76 21.41 20.12 3.00
CA THR A 76 20.51 19.01 2.67
C THR A 76 20.11 18.25 3.93
N LEU A 77 21.04 18.03 4.84
CA LEU A 77 20.72 17.32 6.08
C LEU A 77 19.70 18.10 6.91
N TRP A 78 19.95 19.40 7.10
CA TRP A 78 19.03 20.23 7.89
C TRP A 78 17.66 20.29 7.23
N LEU A 79 17.62 20.45 5.90
CA LEU A 79 16.34 20.58 5.22
C LEU A 79 15.58 19.27 5.20
N HIS A 80 16.28 18.14 5.13
CA HIS A 80 15.60 16.85 5.22
C HIS A 80 15.07 16.61 6.62
N ARG A 81 15.79 17.05 7.65
CA ARG A 81 15.25 16.96 9.01
C ARG A 81 14.00 17.83 9.15
N VAL A 82 14.02 19.02 8.55
CA VAL A 82 12.84 19.90 8.58
C VAL A 82 11.66 19.22 7.90
N ASP A 83 11.90 18.63 6.73
CA ASP A 83 10.84 17.93 6.01
C ASP A 83 10.32 16.74 6.79
N ALA A 84 11.20 15.99 7.44
CA ALA A 84 10.76 14.84 8.23
C ALA A 84 9.88 15.28 9.40
N ARG A 85 10.29 16.33 10.10
CA ARG A 85 9.49 16.81 11.22
C ARG A 85 8.15 17.36 10.76
N PHE A 86 8.14 18.06 9.62
CA PHE A 86 6.89 18.57 9.07
C PHE A 86 5.96 17.42 8.69
N ALA A 87 6.50 16.37 8.07
CA ALA A 87 5.69 15.21 7.70
C ALA A 87 5.13 14.53 8.95
N HIS A 88 5.93 14.43 10.00
CA HIS A 88 5.46 13.81 11.24
C HIS A 88 4.31 14.60 11.85
N GLU A 89 4.47 15.92 11.95
CA GLU A 89 3.42 16.74 12.54
C GLU A 89 2.17 16.72 11.67
N LEU A 90 2.34 16.74 10.35
CA LEU A 90 1.19 16.70 9.45
C LEU A 90 0.45 15.37 9.52
N ARG A 91 1.20 14.27 9.66
CA ARG A 91 0.56 12.96 9.81
C ARG A 91 -0.18 12.86 11.13
N GLY A 92 0.38 13.43 12.21
CA GLY A 92 -0.35 13.49 13.45
C GLY A 92 -1.63 14.29 13.31
N ARG A 93 -1.57 15.42 12.59
CA ARG A 93 -2.77 16.21 12.33
C ARG A 93 -3.80 15.42 11.53
N LEU A 94 -3.35 14.69 10.51
CA LEU A 94 -4.28 13.90 9.70
C LEU A 94 -4.93 12.79 10.51
N LEU A 95 -4.16 12.11 11.36
CA LEU A 95 -4.74 11.07 12.21
C LEU A 95 -5.73 11.67 13.21
N THR A 96 -5.41 12.85 13.77
CA THR A 96 -6.35 13.50 14.66
C THR A 96 -7.62 13.91 13.93
N LYS A 97 -7.49 14.38 12.69
CA LYS A 97 -8.67 14.77 11.92
C LYS A 97 -9.55 13.55 11.63
N LEU A 98 -8.94 12.48 11.12
CA LEU A 98 -9.70 11.27 10.80
C LEU A 98 -10.33 10.63 12.03
N SER A 99 -9.82 10.93 13.22
CA SER A 99 -10.36 10.37 14.45
C SER A 99 -11.74 10.92 14.79
N ARG A 100 -12.20 11.97 14.10
CA ARG A 100 -13.49 12.59 14.42
C ARG A 100 -14.29 12.98 13.18
N LEU A 101 -13.95 12.45 12.01
CA LEU A 101 -14.82 12.58 10.85
C LEU A 101 -15.94 11.55 10.95
N PRO A 102 -17.07 11.77 10.26
CA PRO A 102 -18.11 10.74 10.26
C PRO A 102 -17.62 9.46 9.59
N LEU A 103 -18.18 8.33 10.04
CA LEU A 103 -17.80 7.04 9.48
C LEU A 103 -18.18 6.90 8.01
N GLY A 104 -19.16 7.69 7.54
CA GLY A 104 -19.49 7.68 6.13
C GLY A 104 -18.31 8.10 5.26
N TRP A 105 -17.47 8.99 5.78
CA TRP A 105 -16.23 9.35 5.10
C TRP A 105 -15.37 8.12 4.86
N PHE A 106 -15.15 7.33 5.90
CA PHE A 106 -14.35 6.11 5.78
C PHE A 106 -15.00 5.12 4.83
N THR A 107 -16.33 4.96 4.93
CA THR A 107 -17.01 3.98 4.09
C THR A 107 -16.94 4.36 2.62
N ARG A 108 -17.15 5.64 2.29
CA ARG A 108 -17.12 6.06 0.90
C ARG A 108 -15.70 6.22 0.35
N ARG A 109 -14.70 6.31 1.23
CA ARG A 109 -13.31 6.42 0.78
C ARG A 109 -12.66 5.05 0.60
N GLY A 110 -12.62 4.26 1.67
CA GLY A 110 -11.90 3.00 1.69
C GLY A 110 -10.57 3.12 2.41
N SER A 111 -9.98 1.95 2.67
CA SER A 111 -8.71 1.91 3.40
C SER A 111 -7.55 2.35 2.54
N ALA A 112 -7.59 2.02 1.24
CA ALA A 112 -6.52 2.44 0.33
C ALA A 112 -6.45 3.95 0.23
N SER A 113 -7.59 4.62 0.20
CA SER A 113 -7.60 6.08 0.16
C SER A 113 -6.97 6.67 1.42
N THR A 114 -7.30 6.12 2.58
CA THR A 114 -6.73 6.62 3.83
C THR A 114 -5.22 6.39 3.87
N LYS A 115 -4.77 5.21 3.41
CA LYS A 115 -3.34 4.95 3.37
C LYS A 115 -2.62 5.89 2.41
N GLN A 116 -3.23 6.16 1.24
CA GLN A 116 -2.63 7.10 0.31
C GLN A 116 -2.57 8.50 0.91
N LEU A 117 -3.62 8.90 1.63
CA LEU A 117 -3.64 10.20 2.25
C LEU A 117 -2.53 10.34 3.28
N VAL A 118 -2.54 9.48 4.30
CA VAL A 118 -1.68 9.68 5.45
C VAL A 118 -0.21 9.51 5.07
N GLN A 119 0.10 8.58 4.16
CA GLN A 119 1.47 8.21 3.84
C GLN A 119 1.93 8.69 2.47
N ASP A 120 1.16 8.44 1.42
CA ASP A 120 1.67 8.71 0.07
C ASP A 120 1.65 10.21 -0.24
N ASP A 121 0.64 10.94 0.22
CA ASP A 121 0.59 12.37 -0.03
C ASP A 121 1.65 13.12 0.76
N THR A 122 1.82 12.76 2.03
CA THR A 122 2.85 13.39 2.85
C THR A 122 4.25 13.12 2.28
N LEU A 123 4.44 11.95 1.69
CA LEU A 123 5.70 11.64 1.03
C LEU A 123 5.83 12.34 -0.32
N ALA A 124 4.71 12.63 -0.98
CA ALA A 124 4.74 13.40 -2.22
C ALA A 124 5.07 14.85 -1.97
N LEU A 125 4.83 15.35 -0.76
CA LEU A 125 5.25 16.71 -0.40
C LEU A 125 6.76 16.86 -0.26
N HIS A 126 7.51 15.75 -0.28
CA HIS A 126 8.93 15.78 0.09
C HIS A 126 9.73 16.66 -0.86
N TYR A 127 9.62 16.43 -2.16
CA TYR A 127 10.41 17.23 -3.11
C TYR A 127 10.01 18.69 -3.03
N LEU A 128 8.71 18.96 -2.88
CA LEU A 128 8.23 20.33 -2.85
C LEU A 128 8.82 21.09 -1.67
N ILE A 129 8.91 20.46 -0.50
CA ILE A 129 9.34 21.16 0.70
C ILE A 129 10.79 20.84 1.08
N THR A 130 11.55 20.16 0.22
CA THR A 130 12.93 19.80 0.53
C THR A 130 13.92 20.13 -0.59
N HIS A 131 13.44 20.16 -1.84
CA HIS A 131 14.31 20.30 -3.00
C HIS A 131 13.88 21.36 -3.99
N ALA A 132 12.60 21.75 -4.01
CA ALA A 132 12.10 22.61 -5.08
C ALA A 132 12.76 23.99 -5.04
N ILE A 133 12.76 24.63 -3.89
CA ILE A 133 13.31 25.98 -3.75
C ILE A 133 14.82 25.95 -3.95
N PRO A 134 15.57 25.04 -3.32
CA PRO A 134 17.01 24.95 -3.63
C PRO A 134 17.31 24.73 -5.11
N ASP A 135 16.61 23.79 -5.75
CA ASP A 135 16.86 23.52 -7.17
C ASP A 135 16.53 24.74 -8.01
N ALA A 136 15.42 25.41 -7.72
CA ALA A 136 15.04 26.60 -8.48
C ALA A 136 16.09 27.69 -8.33
N VAL A 137 16.54 27.96 -7.10
CA VAL A 137 17.49 29.04 -6.88
C VAL A 137 18.84 28.69 -7.50
N ALA A 138 19.27 27.44 -7.42
CA ALA A 138 20.53 27.04 -8.02
C ALA A 138 20.48 27.18 -9.54
N ALA A 139 19.38 26.72 -10.16
CA ALA A 139 19.23 26.80 -11.59
C ALA A 139 19.00 28.21 -12.09
N VAL A 140 18.60 29.13 -11.21
CA VAL A 140 18.49 30.53 -11.60
C VAL A 140 19.83 31.25 -11.42
N VAL A 141 20.55 30.95 -10.34
CA VAL A 141 21.74 31.72 -10.00
C VAL A 141 22.93 31.27 -10.84
N ALA A 142 23.20 29.96 -10.90
CA ALA A 142 24.43 29.51 -11.54
C ALA A 142 24.44 29.79 -13.04
N PRO A 143 23.40 29.47 -13.82
CA PRO A 143 23.42 29.88 -15.23
C PRO A 143 23.55 31.38 -15.44
N VAL A 144 22.88 32.20 -14.62
CA VAL A 144 22.92 33.64 -14.83
C VAL A 144 24.32 34.17 -14.54
N ALA A 145 24.92 33.77 -13.42
CA ALA A 145 26.26 34.22 -13.08
C ALA A 145 27.27 33.74 -14.11
N VAL A 146 27.20 32.47 -14.50
CA VAL A 146 28.15 31.93 -15.47
C VAL A 146 28.00 32.63 -16.81
N LEU A 147 26.78 32.86 -17.26
CA LEU A 147 26.57 33.48 -18.57
C LEU A 147 26.98 34.95 -18.56
N VAL A 148 26.78 35.65 -17.44
CA VAL A 148 27.26 37.02 -17.34
C VAL A 148 28.79 37.04 -17.43
N TYR A 149 29.44 36.13 -16.69
CA TYR A 149 30.90 36.05 -16.71
C TYR A 149 31.40 35.74 -18.12
N LEU A 150 30.74 34.82 -18.82
CA LEU A 150 31.20 34.40 -20.12
C LEU A 150 30.89 35.42 -21.21
N PHE A 151 29.80 36.17 -21.08
CA PHE A 151 29.56 37.27 -22.00
C PHE A 151 30.59 38.37 -21.80
N VAL A 152 31.00 38.60 -20.55
CA VAL A 152 32.11 39.53 -20.32
C VAL A 152 33.38 39.00 -20.97
N ALA A 153 33.63 37.70 -20.84
CA ALA A 153 34.84 37.11 -21.41
C ALA A 153 34.82 37.16 -22.93
N ASP A 154 33.74 36.68 -23.55
CA ASP A 154 33.60 36.72 -25.00
C ASP A 154 32.14 36.48 -25.35
N TRP A 155 31.53 37.44 -26.04
CA TRP A 155 30.12 37.31 -26.38
C TRP A 155 29.87 36.34 -27.52
N ARG A 156 30.82 36.19 -28.43
CA ARG A 156 30.62 35.32 -29.59
C ARG A 156 30.46 33.86 -29.17
N VAL A 157 31.37 33.39 -28.31
CA VAL A 157 31.27 32.02 -27.82
C VAL A 157 30.25 31.89 -26.69
N ALA A 158 29.82 33.01 -26.11
CA ALA A 158 28.76 32.96 -25.11
C ALA A 158 27.39 32.80 -25.76
N LEU A 159 27.19 33.37 -26.95
CA LEU A 159 25.89 33.29 -27.60
C LEU A 159 25.53 31.85 -27.96
N VAL A 160 26.53 31.05 -28.36
CA VAL A 160 26.23 29.68 -28.77
C VAL A 160 25.75 28.83 -27.60
N LEU A 161 26.05 29.24 -26.36
CA LEU A 161 25.55 28.52 -25.20
C LEU A 161 24.05 28.70 -24.99
N PHE A 162 23.44 29.70 -25.63
CA PHE A 162 21.99 29.86 -25.55
C PHE A 162 21.26 28.79 -26.35
N ILE A 163 21.91 28.18 -27.34
CA ILE A 163 21.27 27.14 -28.15
C ILE A 163 20.91 25.94 -27.27
N PRO A 164 21.85 25.34 -26.52
CA PRO A 164 21.42 24.28 -25.59
C PRO A 164 20.48 24.77 -24.52
N VAL A 165 20.62 26.01 -24.05
CA VAL A 165 19.73 26.52 -23.01
C VAL A 165 18.31 26.69 -23.54
N LEU A 166 18.18 27.29 -24.73
CA LEU A 166 16.85 27.46 -25.31
C LEU A 166 16.21 26.12 -25.66
N VAL A 167 17.01 25.19 -26.19
CA VAL A 167 16.49 23.86 -26.48
C VAL A 167 16.03 23.18 -25.21
N TYR A 168 16.81 23.31 -24.13
CA TYR A 168 16.43 22.73 -22.85
C TYR A 168 15.14 23.35 -22.33
N LEU A 169 14.99 24.66 -22.45
CA LEU A 169 13.77 25.31 -21.96
C LEU A 169 12.56 24.86 -22.76
N VAL A 170 12.70 24.74 -24.08
CA VAL A 170 11.58 24.27 -24.90
C VAL A 170 11.22 22.83 -24.52
N LEU A 171 12.24 21.97 -24.36
CA LEU A 171 11.98 20.59 -23.97
C LEU A 171 11.30 20.52 -22.61
N MET A 172 11.76 21.33 -21.66
CA MET A 172 11.17 21.34 -20.33
C MET A 172 9.72 21.78 -20.37
N SER A 173 9.41 22.83 -21.13
CA SER A 173 8.05 23.33 -21.20
C SER A 173 7.12 22.30 -21.84
N VAL A 174 7.54 21.71 -22.96
CA VAL A 174 6.66 20.75 -23.63
C VAL A 174 6.52 19.50 -22.77
N MET A 175 7.58 19.07 -22.08
CA MET A 175 7.49 17.91 -21.20
C MET A 175 6.50 18.17 -20.07
N THR A 176 6.58 19.34 -19.44
CA THR A 176 5.67 19.66 -18.34
C THR A 176 4.23 19.74 -18.83
N ILE A 177 4.00 20.38 -19.97
CA ILE A 177 2.64 20.50 -20.50
C ILE A 177 2.10 19.11 -20.84
N GLN A 178 2.92 18.27 -21.46
CA GLN A 178 2.48 16.92 -21.83
C GLN A 178 2.16 16.08 -20.62
N SER A 179 2.98 16.17 -19.56
CA SER A 179 2.87 15.29 -18.41
C SER A 179 1.96 15.82 -17.30
N GLY A 180 1.46 17.05 -17.41
CA GLY A 180 0.62 17.60 -16.34
C GLY A 180 -0.65 16.80 -16.12
N SER A 181 -1.37 16.47 -17.20
CA SER A 181 -2.62 15.74 -17.05
C SER A 181 -2.38 14.34 -16.49
N LYS A 182 -1.32 13.68 -16.95
CA LYS A 182 -1.02 12.34 -16.45
C LYS A 182 -0.60 12.39 -14.98
N ILE A 183 0.11 13.43 -14.58
CA ILE A 183 0.46 13.59 -13.17
C ILE A 183 -0.80 13.84 -12.34
N ALA A 184 -1.76 14.58 -12.89
CA ALA A 184 -3.03 14.77 -12.20
C ALA A 184 -3.77 13.44 -12.02
N GLN A 185 -3.75 12.60 -13.06
CA GLN A 185 -4.46 11.32 -13.01
C GLN A 185 -3.73 10.25 -12.20
N ALA A 186 -2.42 10.41 -11.97
CA ALA A 186 -1.64 9.37 -11.29
C ALA A 186 -2.16 9.01 -9.90
N PRO A 187 -2.43 9.96 -8.99
CA PRO A 187 -2.89 9.55 -7.65
C PRO A 187 -4.19 8.77 -7.65
N ARG A 188 -5.11 9.08 -8.57
CA ARG A 188 -6.34 8.30 -8.67
C ARG A 188 -6.03 6.85 -9.00
N TRP A 189 -5.13 6.63 -9.97
CA TRP A 189 -4.75 5.28 -10.34
C TRP A 189 -4.04 4.56 -9.20
N ALA A 190 -3.18 5.28 -8.47
CA ALA A 190 -2.50 4.65 -7.34
C ALA A 190 -3.49 4.25 -6.26
N GLU A 191 -4.48 5.11 -5.98
CA GLU A 191 -5.51 4.77 -5.00
C GLU A 191 -6.33 3.57 -5.44
N ARG A 192 -6.74 3.54 -6.71
CA ARG A 192 -7.51 2.41 -7.22
C ARG A 192 -6.71 1.12 -7.16
N MET A 193 -5.43 1.17 -7.54
CA MET A 193 -4.59 -0.02 -7.49
C MET A 193 -4.41 -0.50 -6.06
N GLY A 194 -4.21 0.42 -5.12
CA GLY A 194 -4.11 0.02 -3.73
C GLY A 194 -5.38 -0.61 -3.21
N GLY A 195 -6.53 -0.06 -3.59
CA GLY A 195 -7.80 -0.67 -3.19
C GLY A 195 -7.98 -2.06 -3.76
N GLU A 196 -7.66 -2.22 -5.05
CA GLU A 196 -7.76 -3.54 -5.67
C GLU A 196 -6.81 -4.54 -5.02
N ALA A 197 -5.58 -4.12 -4.71
CA ALA A 197 -4.64 -5.02 -4.06
C ALA A 197 -5.11 -5.40 -2.67
N GLY A 198 -5.64 -4.44 -1.92
CA GLY A 198 -6.17 -4.75 -0.60
C GLY A 198 -7.34 -5.71 -0.65
N ALA A 199 -8.24 -5.53 -1.62
CA ALA A 199 -9.35 -6.46 -1.79
C ALA A 199 -8.86 -7.83 -2.22
N PHE A 200 -7.86 -7.87 -3.09
CA PHE A 200 -7.30 -9.14 -3.56
C PHE A 200 -6.68 -9.91 -2.42
N LEU A 201 -5.97 -9.22 -1.52
CA LEU A 201 -5.36 -9.90 -0.38
C LEU A 201 -6.40 -10.28 0.67
N GLU A 202 -7.36 -9.40 0.93
CA GLU A 202 -8.35 -9.67 1.97
C GLU A 202 -9.39 -10.67 1.50
N GLY A 203 -9.80 -10.59 0.24
CA GLY A 203 -10.81 -11.49 -0.31
C GLY A 203 -10.22 -12.69 -1.02
N GLN A 204 -9.12 -13.22 -0.49
CA GLN A 204 -8.48 -14.37 -1.13
C GLN A 204 -9.38 -15.60 -1.23
N PRO A 205 -10.16 -15.99 -0.21
CA PRO A 205 -11.06 -17.14 -0.40
C PRO A 205 -12.05 -16.96 -1.54
N VAL A 206 -12.59 -15.75 -1.70
CA VAL A 206 -13.53 -15.52 -2.79
C VAL A 206 -12.82 -15.62 -4.14
N ILE A 207 -11.57 -15.16 -4.21
CA ILE A 207 -10.79 -15.29 -5.43
C ILE A 207 -10.53 -16.76 -5.74
N ARG A 208 -10.19 -17.54 -4.71
CA ARG A 208 -9.82 -18.93 -4.92
C ARG A 208 -11.02 -19.77 -5.34
N ILE A 209 -12.18 -19.56 -4.71
CA ILE A 209 -13.36 -20.33 -5.08
C ILE A 209 -13.95 -19.83 -6.39
N PHE A 210 -14.04 -18.52 -6.56
CA PHE A 210 -14.68 -17.90 -7.72
C PHE A 210 -13.60 -17.27 -8.59
N GLY A 211 -13.38 -17.86 -9.76
CA GLY A 211 -12.56 -17.25 -10.81
C GLY A 211 -11.07 -17.50 -10.75
N GLY A 212 -10.46 -17.39 -9.57
CA GLY A 212 -9.02 -17.49 -9.47
C GLY A 212 -8.33 -16.21 -9.91
N ALA A 213 -7.09 -16.36 -10.39
CA ALA A 213 -6.33 -15.20 -10.85
C ALA A 213 -6.88 -14.65 -12.17
N ALA A 214 -7.26 -15.54 -13.09
CA ALA A 214 -7.58 -15.13 -14.44
C ALA A 214 -8.81 -14.21 -14.47
N ALA A 215 -9.87 -14.59 -13.75
CA ALA A 215 -11.14 -13.87 -13.77
C ALA A 215 -11.26 -12.87 -12.63
N SER A 216 -10.14 -12.34 -12.16
CA SER A 216 -10.12 -11.39 -11.04
C SER A 216 -10.04 -9.97 -11.58
N ARG A 217 -10.87 -9.08 -11.02
CA ARG A 217 -10.80 -7.66 -11.34
C ARG A 217 -9.44 -7.06 -11.02
N PHE A 218 -8.69 -7.66 -10.08
CA PHE A 218 -7.36 -7.18 -9.76
C PHE A 218 -6.43 -7.23 -10.96
N ARG A 219 -6.48 -8.32 -11.73
CA ARG A 219 -5.59 -8.44 -12.88
C ARG A 219 -5.98 -7.47 -13.99
N ARG A 220 -7.29 -7.27 -14.23
CA ARG A 220 -7.70 -6.29 -15.22
C ARG A 220 -7.27 -4.88 -14.83
N ARG A 221 -7.44 -4.53 -13.55
CA ARG A 221 -7.01 -3.21 -13.11
C ARG A 221 -5.49 -3.08 -13.19
N LEU A 222 -4.77 -4.17 -12.92
CA LEU A 222 -3.31 -4.15 -13.03
C LEU A 222 -2.87 -3.89 -14.47
N ASP A 223 -3.51 -4.57 -15.44
CA ASP A 223 -3.19 -4.33 -16.83
C ASP A 223 -3.51 -2.90 -17.25
N ASP A 224 -4.67 -2.38 -16.81
CA ASP A 224 -5.03 -1.01 -17.15
C ASP A 224 -4.05 -0.02 -16.54
N TYR A 225 -3.63 -0.26 -15.30
CA TYR A 225 -2.69 0.64 -14.65
C TYR A 225 -1.33 0.61 -15.34
N ILE A 226 -0.89 -0.58 -15.77
CA ILE A 226 0.38 -0.65 -16.48
C ILE A 226 0.28 0.06 -17.82
N ASP A 227 -0.87 -0.04 -18.50
CA ASP A 227 -1.05 0.70 -19.75
C ASP A 227 -0.97 2.20 -19.51
N PHE A 228 -1.64 2.68 -18.45
CA PHE A 228 -1.58 4.10 -18.12
C PHE A 228 -0.15 4.52 -17.80
N LEU A 229 0.57 3.71 -17.03
CA LEU A 229 1.95 4.03 -16.69
C LEU A 229 2.82 4.09 -17.91
N VAL A 230 2.64 3.17 -18.86
CA VAL A 230 3.43 3.20 -20.09
C VAL A 230 3.13 4.47 -20.88
N SER A 231 1.84 4.78 -21.06
CA SER A 231 1.48 5.96 -21.84
C SER A 231 1.97 7.24 -21.19
N TRP A 232 2.06 7.26 -19.86
CA TRP A 232 2.57 8.41 -19.14
C TRP A 232 4.09 8.51 -19.23
N GLN A 233 4.79 7.42 -18.93
CA GLN A 233 6.23 7.43 -18.73
C GLN A 233 7.04 7.29 -20.00
N ARG A 234 6.42 6.90 -21.13
CA ARG A 234 7.21 6.77 -22.36
C ARG A 234 7.60 8.13 -22.92
N PRO A 235 6.67 9.02 -23.30
CA PRO A 235 7.09 10.35 -23.76
C PRO A 235 7.80 11.14 -22.68
N PHE A 236 7.41 10.95 -21.42
CA PHE A 236 8.07 11.67 -20.34
C PHE A 236 9.54 11.29 -20.24
N VAL A 237 9.83 9.98 -20.28
CA VAL A 237 11.23 9.55 -20.22
C VAL A 237 11.98 9.94 -21.48
N GLY A 238 11.31 9.94 -22.65
CA GLY A 238 11.98 10.40 -23.86
C GLY A 238 12.41 11.85 -23.78
N LYS A 239 11.49 12.72 -23.32
CA LYS A 239 11.82 14.12 -23.13
C LYS A 239 12.89 14.28 -22.06
N LYS A 240 12.82 13.47 -21.01
CA LYS A 240 13.79 13.55 -19.92
C LYS A 240 15.19 13.22 -20.42
N THR A 241 15.31 12.18 -21.25
CA THR A 241 16.61 11.80 -21.78
C THR A 241 17.12 12.84 -22.78
N LEU A 242 16.23 13.41 -23.59
CA LEU A 242 16.67 14.49 -24.48
C LEU A 242 17.17 15.69 -23.70
N MET A 243 16.48 16.05 -22.61
CA MET A 243 16.94 17.14 -21.76
C MET A 243 18.29 16.83 -21.13
N ASP A 244 18.49 15.58 -20.72
CA ASP A 244 19.79 15.17 -20.17
C ASP A 244 20.88 15.29 -21.23
N LEU A 245 20.58 14.90 -22.46
CA LEU A 245 21.57 15.01 -23.53
C LEU A 245 21.91 16.45 -23.84
N VAL A 246 20.91 17.33 -23.82
CA VAL A 246 21.13 18.73 -24.18
C VAL A 246 22.02 19.43 -23.16
N THR A 247 21.80 19.18 -21.88
CA THR A 247 22.48 19.90 -20.82
C THR A 247 23.73 19.19 -20.30
N ARG A 248 24.13 18.08 -20.91
CA ARG A 248 25.27 17.35 -20.40
C ARG A 248 26.56 18.15 -20.62
N PRO A 249 27.55 18.02 -19.73
CA PRO A 249 28.79 18.79 -19.93
C PRO A 249 29.49 18.50 -21.24
N ALA A 250 29.36 17.28 -21.76
CA ALA A 250 29.96 16.96 -23.05
C ALA A 250 29.34 17.80 -24.17
N THR A 251 28.02 18.00 -24.14
CA THR A 251 27.36 18.79 -25.16
C THR A 251 27.85 20.24 -25.14
N PHE A 252 27.92 20.82 -23.94
CA PHE A 252 28.40 22.19 -23.80
C PHE A 252 29.85 22.30 -24.25
N LEU A 253 30.69 21.33 -23.86
CA LEU A 253 32.08 21.36 -24.26
C LEU A 253 32.22 21.27 -25.78
N TRP A 254 31.44 20.38 -26.40
CA TRP A 254 31.51 20.23 -27.85
C TRP A 254 31.05 21.49 -28.58
N ILE A 255 29.95 22.09 -28.15
CA ILE A 255 29.46 23.28 -28.85
C ILE A 255 30.39 24.47 -28.60
N ILE A 256 30.97 24.56 -27.41
CA ILE A 256 31.98 25.58 -27.13
C ILE A 256 33.14 25.44 -28.10
N LEU A 257 33.62 24.21 -28.29
CA LEU A 257 34.76 24.01 -29.18
C LEU A 257 34.38 24.26 -30.63
N VAL A 258 33.16 23.88 -31.03
CA VAL A 258 32.72 24.13 -32.41
C VAL A 258 32.66 25.62 -32.68
N ALA A 259 32.27 26.41 -31.67
CA ALA A 259 32.26 27.87 -31.84
C ALA A 259 33.66 28.47 -31.79
N GLY A 260 34.53 27.93 -30.93
CA GLY A 260 35.80 28.57 -30.63
C GLY A 260 36.97 28.18 -31.50
N VAL A 261 37.04 26.91 -31.92
CA VAL A 261 38.13 26.47 -32.79
C VAL A 261 38.18 27.24 -34.09
N PRO A 262 37.07 27.48 -34.80
CA PRO A 262 37.14 28.37 -35.97
C PRO A 262 37.59 29.77 -35.64
N LEU A 263 37.24 30.29 -34.46
CA LEU A 263 37.70 31.61 -34.08
C LEU A 263 39.20 31.62 -33.78
N VAL A 264 39.68 30.60 -33.07
CA VAL A 264 41.10 30.57 -32.70
C VAL A 264 41.98 30.32 -33.93
N VAL A 265 41.52 29.45 -34.83
CA VAL A 265 42.31 29.14 -36.02
C VAL A 265 42.49 30.39 -36.88
N THR A 266 41.42 31.13 -37.08
CA THR A 266 41.51 32.46 -37.65
C THR A 266 42.06 33.42 -36.60
N GLY A 267 42.39 34.64 -37.03
CA GLY A 267 42.87 35.65 -36.11
C GLY A 267 41.75 36.40 -35.43
N ARG A 268 40.79 35.67 -34.86
CA ARG A 268 39.58 36.25 -34.27
C ARG A 268 39.45 36.05 -32.77
N MET A 269 40.24 35.15 -32.18
CA MET A 269 40.13 34.91 -30.74
C MET A 269 41.44 34.32 -30.25
N ASP A 270 41.96 34.86 -29.15
CA ASP A 270 43.10 34.26 -28.49
C ASP A 270 42.65 32.98 -27.79
N PRO A 271 43.43 31.88 -27.89
CA PRO A 271 42.99 30.64 -27.21
C PRO A 271 42.84 30.79 -25.70
N VAL A 272 43.61 31.69 -25.08
CA VAL A 272 43.49 31.89 -23.63
C VAL A 272 42.08 32.33 -23.25
N ASN A 273 41.42 33.09 -24.13
CA ASN A 273 40.06 33.54 -23.87
C ASN A 273 39.05 32.40 -23.86
N LEU A 274 39.42 31.20 -24.32
CA LEU A 274 38.55 30.04 -24.18
C LEU A 274 38.67 29.37 -22.83
N LEU A 275 39.64 29.76 -22.00
CA LEU A 275 39.78 29.13 -20.69
C LEU A 275 38.56 29.28 -19.80
N PRO A 276 37.88 30.43 -19.73
CA PRO A 276 36.60 30.47 -18.99
C PRO A 276 35.59 29.44 -19.49
N PHE A 277 35.35 29.40 -20.81
CA PHE A 277 34.26 28.60 -21.35
C PHE A 277 34.47 27.12 -21.08
N LEU A 278 35.71 26.64 -21.22
CA LEU A 278 35.99 25.25 -20.95
C LEU A 278 35.87 24.91 -19.47
N LEU A 279 36.10 25.89 -18.59
CA LEU A 279 36.12 25.65 -17.15
C LEU A 279 34.83 26.07 -16.45
N LEU A 280 34.09 27.01 -17.03
CA LEU A 280 32.81 27.47 -16.48
C LEU A 280 31.62 27.16 -17.38
N GLY A 281 31.82 27.03 -18.68
CA GLY A 281 30.71 26.80 -19.59
C GLY A 281 30.08 25.43 -19.51
N THR A 282 30.66 24.52 -18.71
CA THR A 282 30.17 23.15 -18.57
C THR A 282 29.81 22.83 -17.13
N THR A 283 29.40 23.84 -16.35
CA THR A 283 29.13 23.71 -14.93
C THR A 283 27.67 23.83 -14.57
N PHE A 284 26.89 24.61 -15.33
CA PHE A 284 25.52 24.95 -14.97
C PHE A 284 24.47 24.09 -15.65
N GLY A 285 24.86 23.12 -16.47
CA GLY A 285 23.87 22.26 -17.10
C GLY A 285 23.17 21.33 -16.12
N ALA A 286 23.93 20.76 -15.18
CA ALA A 286 23.33 19.85 -14.21
C ALA A 286 22.34 20.58 -13.31
N ARG A 287 22.65 21.81 -12.94
CA ARG A 287 21.74 22.59 -12.11
C ARG A 287 20.44 22.87 -12.85
N LEU A 288 20.53 23.12 -14.16
CA LEU A 288 19.31 23.26 -14.96
C LEU A 288 18.53 21.95 -15.03
N LEU A 289 19.24 20.83 -15.21
CA LEU A 289 18.57 19.55 -15.24
C LEU A 289 17.88 19.23 -13.93
N GLY A 290 18.39 19.78 -12.81
CA GLY A 290 17.74 19.59 -11.53
C GLY A 290 16.32 20.12 -11.51
N ILE A 291 16.14 21.37 -11.96
CA ILE A 291 14.79 21.92 -12.02
C ILE A 291 13.97 21.22 -13.10
N GLY A 292 14.60 20.84 -14.22
CA GLY A 292 13.87 20.15 -15.26
C GLY A 292 13.26 18.85 -14.76
N TYR A 293 14.01 18.12 -13.94
CA TYR A 293 13.49 16.90 -13.34
C TYR A 293 12.55 17.19 -12.18
N GLY A 294 12.72 18.32 -11.50
CA GLY A 294 11.92 18.66 -10.35
C GLY A 294 10.59 19.31 -10.61
N LEU A 295 10.31 19.75 -11.84
CA LEU A 295 9.00 20.34 -12.12
C LEU A 295 7.88 19.35 -11.86
N SER A 296 8.07 18.09 -12.26
CA SER A 296 7.06 17.07 -12.00
C SER A 296 6.88 16.84 -10.52
N GLY A 297 7.98 16.81 -9.76
CA GLY A 297 7.87 16.68 -8.32
C GLY A 297 7.13 17.84 -7.68
N ILE A 298 7.35 19.04 -8.20
CA ILE A 298 6.62 20.21 -7.70
C ILE A 298 5.13 20.05 -7.97
N GLN A 299 4.77 19.59 -9.17
CA GLN A 299 3.37 19.38 -9.49
C GLN A 299 2.72 18.34 -8.58
N THR A 300 3.43 17.22 -8.37
CA THR A 300 2.88 16.17 -7.51
C THR A 300 2.74 16.66 -6.07
N GLY A 301 3.73 17.42 -5.59
CA GLY A 301 3.64 17.96 -4.25
C GLY A 301 2.50 18.95 -4.10
N MET A 302 2.26 19.78 -5.12
CA MET A 302 1.16 20.72 -5.06
C MET A 302 -0.19 20.00 -5.02
N LEU A 303 -0.35 18.96 -5.84
CA LEU A 303 -1.59 18.19 -5.81
C LEU A 303 -1.77 17.46 -4.48
N ALA A 304 -0.68 16.90 -3.95
CA ALA A 304 -0.76 16.23 -2.66
C ALA A 304 -1.13 17.22 -1.56
N ALA A 305 -0.58 18.43 -1.59
CA ALA A 305 -0.92 19.45 -0.61
C ALA A 305 -2.39 19.83 -0.73
N ARG A 306 -2.90 19.95 -1.96
CA ARG A 306 -4.31 20.26 -2.17
C ARG A 306 -5.18 19.17 -1.55
N ARG A 307 -4.84 17.90 -1.79
CA ARG A 307 -5.65 16.81 -1.24
C ARG A 307 -5.58 16.79 0.28
N ILE A 308 -4.39 16.97 0.85
CA ILE A 308 -4.23 16.93 2.30
C ILE A 308 -5.03 18.06 2.95
N GLN A 309 -4.93 19.27 2.40
CA GLN A 309 -5.66 20.39 2.98
C GLN A 309 -7.16 20.26 2.76
N THR A 310 -7.59 19.63 1.66
CA THR A 310 -9.01 19.37 1.47
C THR A 310 -9.53 18.43 2.55
N VAL A 311 -8.76 17.40 2.90
CA VAL A 311 -9.20 16.51 3.97
C VAL A 311 -9.16 17.22 5.32
N LEU A 312 -8.14 18.05 5.54
CA LEU A 312 -8.01 18.74 6.83
C LEU A 312 -9.08 19.82 7.01
N ASP A 313 -9.72 20.27 5.94
CA ASP A 313 -10.83 21.20 6.01
C ASP A 313 -12.19 20.50 6.08
N GLU A 314 -12.20 19.17 6.15
CA GLU A 314 -13.45 18.44 6.03
C GLU A 314 -14.33 18.70 7.25
N PRO A 315 -15.66 18.80 7.09
CA PRO A 315 -16.53 18.86 8.27
C PRO A 315 -16.40 17.60 9.10
N GLU A 316 -16.48 17.77 10.42
CA GLU A 316 -16.27 16.70 11.38
C GLU A 316 -17.40 16.70 12.39
N LEU A 317 -17.38 15.72 13.30
CA LEU A 317 -18.36 15.62 14.37
C LEU A 317 -17.94 16.60 15.48
N VAL A 318 -18.36 17.86 15.30
CA VAL A 318 -17.97 18.91 16.23
C VAL A 318 -18.71 18.72 17.55
N VAL A 319 -17.97 18.90 18.65
CA VAL A 319 -18.53 18.79 19.99
C VAL A 319 -19.07 20.16 20.39
N ARG A 320 -20.38 20.25 20.58
CA ARG A 320 -21.00 21.50 20.99
C ARG A 320 -20.69 21.80 22.45
N ASP A 321 -20.73 23.09 22.80
CA ASP A 321 -20.47 23.55 24.16
C ASP A 321 -21.75 23.88 24.92
N ARG A 322 -22.91 23.42 24.42
CA ARG A 322 -24.16 23.72 25.10
C ARG A 322 -24.21 23.06 26.47
N THR A 323 -23.73 21.83 26.57
CA THR A 323 -23.71 21.09 27.84
C THR A 323 -25.12 20.91 28.38
N ARG A 337 -32.40 8.76 35.57
CA ARG A 337 -31.86 9.46 34.39
C ARG A 337 -30.42 9.07 34.06
N PRO A 338 -29.49 9.02 35.03
CA PRO A 338 -28.15 8.50 34.71
C PRO A 338 -28.22 7.06 34.27
N GLY A 339 -27.69 6.79 33.07
CA GLY A 339 -27.84 5.52 32.41
C GLY A 339 -28.97 5.45 31.39
N THR A 340 -29.64 6.56 31.13
CA THR A 340 -30.78 6.60 30.22
C THR A 340 -30.32 7.06 28.84
N VAL A 341 -30.88 6.45 27.80
CA VAL A 341 -30.68 6.85 26.41
C VAL A 341 -32.05 7.20 25.85
N GLU A 342 -32.11 8.26 25.05
CA GLU A 342 -33.38 8.77 24.53
C GLU A 342 -33.18 9.24 23.10
N LEU A 343 -33.86 8.59 22.16
CA LEU A 343 -33.94 9.04 20.78
C LEU A 343 -35.27 9.77 20.61
N ASP A 344 -35.21 10.98 20.08
CA ASP A 344 -36.37 11.86 19.97
C ASP A 344 -36.52 12.30 18.51
N ARG A 345 -37.48 11.68 17.81
CA ARG A 345 -37.81 12.03 16.43
C ARG A 345 -36.58 11.94 15.53
N VAL A 346 -35.76 10.94 15.77
CA VAL A 346 -34.49 10.81 15.04
C VAL A 346 -34.77 10.36 13.62
N SER A 347 -34.12 11.03 12.66
CA SER A 347 -34.05 10.60 11.28
C SER A 347 -32.59 10.61 10.86
N PHE A 348 -32.26 9.79 9.85
CA PHE A 348 -30.89 9.69 9.39
C PHE A 348 -30.86 9.28 7.93
N GLU A 349 -29.84 9.76 7.23
CA GLU A 349 -29.63 9.50 5.81
C GLU A 349 -28.15 9.25 5.59
N TYR A 350 -27.79 8.04 5.16
CA TYR A 350 -26.41 7.79 4.75
C TYR A 350 -26.05 8.63 3.53
N ARG A 351 -26.93 8.65 2.53
CA ARG A 351 -26.83 9.46 1.33
C ARG A 351 -27.95 10.49 1.32
N PRO A 352 -27.73 11.71 0.82
CA PRO A 352 -28.85 12.66 0.75
C PRO A 352 -29.98 12.15 -0.12
N GLY A 353 -31.20 12.30 0.37
CA GLY A 353 -32.38 11.86 -0.35
C GLY A 353 -32.66 10.38 -0.28
N VAL A 354 -31.99 9.63 0.60
CA VAL A 354 -32.17 8.19 0.73
C VAL A 354 -32.42 7.88 2.20
N PRO A 355 -33.63 8.10 2.72
CA PRO A 355 -33.87 7.88 4.15
C PRO A 355 -33.70 6.42 4.54
N VAL A 356 -33.11 6.22 5.72
CA VAL A 356 -32.99 4.90 6.33
C VAL A 356 -33.55 4.85 7.74
N ILE A 357 -33.65 5.98 8.44
CA ILE A 357 -34.34 6.09 9.71
C ILE A 357 -35.33 7.25 9.59
N ARG A 358 -36.57 7.02 9.99
CA ARG A 358 -37.68 7.94 9.71
C ARG A 358 -38.46 8.19 11.00
N ASP A 359 -38.06 9.23 11.73
CA ASP A 359 -38.80 9.71 12.90
C ASP A 359 -38.97 8.63 13.95
N VAL A 360 -37.84 8.19 14.49
CA VAL A 360 -37.78 7.13 15.49
C VAL A 360 -37.72 7.78 16.87
N THR A 361 -38.67 7.43 17.72
CA THR A 361 -38.69 7.84 19.12
C THR A 361 -38.58 6.61 20.00
N LEU A 362 -37.63 6.62 20.93
CA LEU A 362 -37.39 5.47 21.77
C LEU A 362 -36.71 5.94 23.05
N THR A 363 -36.88 5.14 24.12
CA THR A 363 -36.28 5.45 25.42
C THR A 363 -35.78 4.15 26.03
N LEU A 364 -34.47 4.03 26.19
CA LEU A 364 -33.84 2.92 26.89
C LEU A 364 -33.52 3.39 28.30
N ARG A 365 -34.06 2.71 29.30
CA ARG A 365 -33.96 3.11 30.70
C ARG A 365 -33.10 2.10 31.47
N PRO A 366 -32.47 2.51 32.58
CA PRO A 366 -31.69 1.56 33.36
C PRO A 366 -32.57 0.45 33.93
N GLY A 367 -31.98 -0.74 34.06
CA GLY A 367 -32.69 -1.88 34.59
C GLY A 367 -33.70 -2.51 33.64
N THR A 368 -33.66 -2.15 32.36
CA THR A 368 -34.57 -2.68 31.35
C THR A 368 -33.77 -3.19 30.17
N VAL A 369 -34.38 -4.11 29.43
CA VAL A 369 -33.81 -4.66 28.20
C VAL A 369 -34.74 -4.28 27.05
N THR A 370 -34.17 -3.67 26.02
CA THR A 370 -34.88 -3.32 24.80
C THR A 370 -34.33 -4.19 23.68
N ALA A 371 -35.21 -4.93 23.03
CA ALA A 371 -34.85 -5.82 21.93
C ALA A 371 -35.30 -5.17 20.63
N LEU A 372 -34.34 -4.71 19.84
CA LEU A 372 -34.62 -4.06 18.56
C LEU A 372 -34.55 -5.14 17.48
N VAL A 373 -35.73 -5.58 17.01
CA VAL A 373 -35.84 -6.62 16.00
C VAL A 373 -36.48 -6.01 14.76
N GLY A 374 -36.50 -6.79 13.68
CA GLY A 374 -37.11 -6.37 12.45
C GLY A 374 -36.51 -7.06 11.24
N PRO A 375 -37.01 -6.76 10.05
CA PRO A 375 -36.44 -7.34 8.84
C PRO A 375 -35.00 -6.90 8.63
N SER A 376 -34.23 -7.77 7.96
CA SER A 376 -32.86 -7.43 7.61
C SER A 376 -32.82 -6.20 6.72
N GLY A 377 -31.93 -5.28 7.04
CA GLY A 377 -31.84 -4.01 6.33
C GLY A 377 -32.84 -2.97 6.76
N SER A 378 -33.52 -3.17 7.89
CA SER A 378 -34.52 -2.20 8.34
C SER A 378 -33.89 -0.96 8.94
N GLY A 379 -32.69 -1.07 9.51
CA GLY A 379 -31.98 0.06 10.08
C GLY A 379 -31.62 -0.09 11.54
N LYS A 380 -31.44 -1.34 12.00
CA LYS A 380 -31.08 -1.56 13.40
C LYS A 380 -29.63 -1.17 13.67
N SER A 381 -28.72 -1.58 12.78
CA SER A 381 -27.31 -1.30 12.97
C SER A 381 -27.02 0.19 12.83
N THR A 382 -27.67 0.86 11.87
CA THR A 382 -27.47 2.30 11.73
C THR A 382 -28.02 3.05 12.93
N LEU A 383 -29.12 2.60 13.52
CA LEU A 383 -29.61 3.23 14.75
C LEU A 383 -28.62 3.05 15.89
N ALA A 384 -28.05 1.85 16.02
CA ALA A 384 -27.03 1.64 17.04
C ALA A 384 -25.82 2.53 16.80
N ALA A 385 -25.41 2.69 15.54
CA ALA A 385 -24.28 3.56 15.22
C ALA A 385 -24.61 5.02 15.49
N LEU A 386 -25.87 5.41 15.29
CA LEU A 386 -26.31 6.76 15.64
C LEU A 386 -26.20 7.00 17.14
N VAL A 387 -26.51 5.98 17.94
CA VAL A 387 -26.31 6.13 19.38
C VAL A 387 -24.83 6.28 19.70
N ALA A 388 -23.97 5.59 18.94
CA ALA A 388 -22.53 5.74 19.10
C ALA A 388 -22.00 7.06 18.54
N ARG A 389 -22.82 7.80 17.81
CA ARG A 389 -22.39 9.03 17.12
C ARG A 389 -21.22 8.76 16.17
N PHE A 390 -21.29 7.64 15.45
CA PHE A 390 -20.46 7.50 14.26
C PHE A 390 -20.96 8.40 13.16
N HIS A 391 -22.25 8.73 13.17
CA HIS A 391 -22.86 9.71 12.28
C HIS A 391 -23.76 10.61 13.11
N ASP A 392 -23.99 11.82 12.61
CA ASP A 392 -24.91 12.76 13.24
C ASP A 392 -26.31 12.57 12.65
N VAL A 393 -27.31 12.63 13.52
CA VAL A 393 -28.69 12.48 13.09
C VAL A 393 -29.08 13.62 12.17
N THR A 394 -29.75 13.30 11.07
CA THR A 394 -30.23 14.34 10.17
C THR A 394 -31.29 15.20 10.83
N GLN A 395 -32.18 14.59 11.62
CA GLN A 395 -33.21 15.30 12.36
C GLN A 395 -33.33 14.68 13.75
N GLY A 396 -34.12 15.32 14.60
CA GLY A 396 -34.32 14.80 15.93
C GLY A 396 -33.10 15.00 16.80
N ALA A 397 -33.04 14.23 17.89
CA ALA A 397 -31.91 14.30 18.80
C ALA A 397 -31.71 12.96 19.47
N ILE A 398 -30.50 12.75 19.98
CA ILE A 398 -30.17 11.59 20.81
C ILE A 398 -29.49 12.11 22.06
N ARG A 399 -30.01 11.71 23.22
CA ARG A 399 -29.54 12.18 24.52
C ARG A 399 -29.14 11.00 25.38
N VAL A 400 -28.08 11.18 26.17
CA VAL A 400 -27.61 10.19 27.13
C VAL A 400 -27.49 10.89 28.48
N ASP A 401 -28.23 10.38 29.47
CA ASP A 401 -28.31 11.00 30.79
C ASP A 401 -28.84 12.42 30.71
N GLY A 402 -29.71 12.69 29.73
CA GLY A 402 -30.23 14.02 29.50
C GLY A 402 -29.34 14.93 28.68
N ARG A 403 -28.09 14.52 28.43
CA ARG A 403 -27.14 15.31 27.66
C ARG A 403 -27.19 14.88 26.20
N ASP A 404 -27.39 15.84 25.31
CA ASP A 404 -27.33 15.55 23.88
C ASP A 404 -25.93 15.06 23.52
N ILE A 405 -25.87 13.99 22.72
CA ILE A 405 -24.60 13.35 22.42
C ILE A 405 -23.68 14.28 21.62
N ARG A 406 -24.23 15.27 20.94
CA ARG A 406 -23.40 16.24 20.23
C ARG A 406 -22.67 17.17 21.18
N THR A 407 -23.20 17.37 22.38
CA THR A 407 -22.52 18.18 23.38
C THR A 407 -21.44 17.40 24.14
N LEU A 408 -21.45 16.08 24.04
CA LEU A 408 -20.49 15.24 24.75
C LEU A 408 -19.26 14.99 23.89
N THR A 409 -18.10 14.99 24.53
CA THR A 409 -16.88 14.58 23.84
C THR A 409 -16.88 13.07 23.64
N ALA A 410 -15.92 12.60 22.85
CA ALA A 410 -15.83 11.17 22.56
C ALA A 410 -15.61 10.37 23.84
N ASP A 411 -14.75 10.86 24.72
CA ASP A 411 -14.54 10.18 26.00
C ASP A 411 -15.82 10.17 26.82
N GLU A 412 -16.49 11.31 26.92
CA GLU A 412 -17.73 11.38 27.70
C GLU A 412 -18.79 10.46 27.12
N LEU A 413 -18.92 10.41 25.79
CA LEU A 413 -19.91 9.56 25.17
C LEU A 413 -19.59 8.08 25.39
N TYR A 414 -18.37 7.67 25.10
CA TYR A 414 -18.02 6.25 25.08
C TYR A 414 -17.62 5.70 26.44
N ARG A 415 -17.52 6.54 27.47
CA ARG A 415 -17.47 6.03 28.84
C ARG A 415 -18.85 5.65 29.36
N ARG A 416 -19.92 6.17 28.73
CA ARG A 416 -21.28 5.89 29.15
C ARG A 416 -21.94 4.78 28.35
N VAL A 417 -21.54 4.59 27.08
CA VAL A 417 -22.18 3.64 26.18
C VAL A 417 -21.09 2.76 25.56
N GLY A 418 -21.22 1.45 25.75
CA GLY A 418 -20.35 0.47 25.12
C GLY A 418 -21.11 -0.28 24.04
N PHE A 419 -20.38 -0.77 23.05
CA PHE A 419 -20.96 -1.35 21.85
C PHE A 419 -20.27 -2.67 21.49
N VAL A 420 -21.08 -3.66 21.12
CA VAL A 420 -20.63 -4.89 20.49
C VAL A 420 -21.19 -4.85 19.08
N LEU A 421 -20.39 -4.40 18.13
CA LEU A 421 -20.85 -4.20 16.76
C LEU A 421 -21.14 -5.53 16.09
N GLN A 422 -21.88 -5.46 14.98
CA GLN A 422 -22.28 -6.68 14.28
C GLN A 422 -21.07 -7.43 13.74
N ASP A 423 -20.12 -6.71 13.14
CA ASP A 423 -18.90 -7.31 12.62
C ASP A 423 -17.84 -7.33 13.72
N ALA A 424 -17.29 -8.51 13.98
CA ALA A 424 -16.30 -8.68 15.04
C ALA A 424 -14.95 -8.25 14.50
N GLN A 425 -14.61 -6.99 14.75
CA GLN A 425 -13.34 -6.42 14.31
C GLN A 425 -12.30 -6.61 15.42
N LEU A 426 -11.28 -7.41 15.14
CA LEU A 426 -10.14 -7.58 16.03
C LEU A 426 -8.96 -6.80 15.47
N VAL A 427 -8.22 -6.15 16.37
CA VAL A 427 -7.01 -5.43 15.99
C VAL A 427 -5.83 -6.39 16.01
N HIS A 428 -4.77 -6.02 15.29
CA HIS A 428 -3.55 -6.81 15.28
C HIS A 428 -2.86 -6.67 16.63
N GLY A 429 -2.81 -7.76 17.38
CA GLY A 429 -2.20 -7.73 18.70
C GLY A 429 -2.61 -8.95 19.48
N SER A 430 -2.16 -8.98 20.73
CA SER A 430 -2.48 -10.11 21.59
C SER A 430 -3.97 -10.14 21.90
N VAL A 431 -4.44 -11.32 22.30
CA VAL A 431 -5.85 -11.45 22.70
C VAL A 431 -6.13 -10.59 23.92
N ALA A 432 -5.16 -10.46 24.83
CA ALA A 432 -5.33 -9.57 25.98
C ALA A 432 -5.48 -8.13 25.53
N GLU A 433 -4.73 -7.72 24.50
CA GLU A 433 -4.89 -6.38 23.96
C GLU A 433 -6.26 -6.17 23.34
N ASN A 434 -6.77 -7.20 22.64
CA ASN A 434 -8.09 -7.07 22.02
C ASN A 434 -9.19 -7.02 23.07
N ILE A 435 -9.08 -7.83 24.12
CA ILE A 435 -10.08 -7.78 25.19
C ILE A 435 -9.94 -6.48 25.97
N ALA A 436 -8.71 -6.00 26.16
CA ALA A 436 -8.44 -4.76 26.87
C ALA A 436 -8.32 -3.57 25.93
N LEU A 437 -9.05 -3.57 24.81
CA LEU A 437 -8.96 -2.47 23.86
C LEU A 437 -9.47 -1.18 24.48
N ALA A 438 -10.60 -1.23 25.18
CA ALA A 438 -11.19 -0.05 25.78
C ALA A 438 -10.54 0.36 27.09
N GLU A 439 -9.62 -0.46 27.62
CA GLU A 439 -8.93 -0.16 28.87
C GLU A 439 -7.58 -0.88 28.87
N PRO A 440 -6.62 -0.39 28.07
CA PRO A 440 -5.35 -1.13 27.93
C PRO A 440 -4.56 -1.28 29.23
N ASP A 441 -4.80 -0.43 30.22
CA ASP A 441 -4.13 -0.54 31.50
C ASP A 441 -4.81 -1.53 32.44
N ALA A 442 -5.90 -2.17 32.02
CA ALA A 442 -6.58 -3.14 32.87
C ALA A 442 -5.69 -4.33 33.14
N GLY A 443 -5.77 -4.85 34.37
CA GLY A 443 -4.93 -5.95 34.77
C GLY A 443 -5.33 -7.26 34.12
N LEU A 444 -4.44 -8.25 34.26
CA LEU A 444 -4.69 -9.55 33.67
C LEU A 444 -5.86 -10.26 34.32
N GLU A 445 -6.06 -10.07 35.63
CA GLU A 445 -7.18 -10.73 36.30
C GLU A 445 -8.51 -10.22 35.75
N ARG A 446 -8.62 -8.91 35.50
CA ARG A 446 -9.84 -8.38 34.92
C ARG A 446 -10.08 -8.94 33.52
N ILE A 447 -9.01 -9.07 32.72
CA ILE A 447 -9.15 -9.61 31.38
C ILE A 447 -9.61 -11.06 31.44
N ARG A 448 -9.04 -11.84 32.37
CA ARG A 448 -9.44 -13.24 32.49
C ARG A 448 -10.90 -13.37 32.93
N THR A 449 -11.33 -12.53 33.88
CA THR A 449 -12.74 -12.58 34.30
C THR A 449 -13.66 -12.20 33.16
N ALA A 450 -13.31 -11.16 32.39
CA ALA A 450 -14.14 -10.76 31.26
C ALA A 450 -14.20 -11.87 30.22
N ALA A 451 -13.08 -12.55 29.96
CA ALA A 451 -13.06 -13.65 29.02
C ALA A 451 -13.92 -14.81 29.52
N ARG A 452 -13.86 -15.11 30.81
CA ARG A 452 -14.70 -16.16 31.37
C ARG A 452 -16.17 -15.81 31.22
N ASP A 453 -16.54 -14.54 31.43
CA ASP A 453 -17.92 -14.14 31.25
C ASP A 453 -18.39 -14.32 29.82
N ALA A 454 -17.49 -14.18 28.85
CA ALA A 454 -17.80 -14.36 27.45
C ALA A 454 -17.59 -15.79 26.96
N GLN A 455 -17.24 -16.73 27.86
CA GLN A 455 -17.07 -18.13 27.50
C GLN A 455 -15.96 -18.31 26.46
N ILE A 456 -14.85 -17.57 26.65
CA ILE A 456 -13.71 -17.64 25.75
C ILE A 456 -12.39 -17.84 26.50
N HIS A 457 -12.41 -17.88 27.83
CA HIS A 457 -11.18 -18.06 28.60
C HIS A 457 -10.53 -19.40 28.31
N ASP A 458 -11.33 -20.46 28.19
CA ASP A 458 -10.78 -21.79 27.94
C ASP A 458 -10.06 -21.85 26.60
N ARG A 459 -10.66 -21.26 25.56
CA ARG A 459 -10.03 -21.27 24.24
C ARG A 459 -8.70 -20.52 24.27
N ILE A 460 -8.66 -19.39 24.94
CA ILE A 460 -7.41 -18.64 25.06
C ILE A 460 -6.39 -19.44 25.86
N THR A 461 -6.84 -20.19 26.86
CA THR A 461 -5.92 -21.04 27.61
C THR A 461 -5.33 -22.12 26.71
N ARG A 462 -6.12 -22.65 25.78
CA ARG A 462 -5.62 -23.68 24.88
C ARG A 462 -4.57 -23.16 23.89
N MET A 463 -4.49 -21.84 23.69
CA MET A 463 -3.56 -21.29 22.72
C MET A 463 -2.12 -21.50 23.18
N PRO A 464 -1.15 -21.46 22.26
CA PRO A 464 0.25 -21.68 22.67
C PRO A 464 0.79 -20.61 23.59
N ASP A 465 0.66 -19.34 23.22
CA ASP A 465 1.14 -18.24 24.04
C ASP A 465 0.17 -17.86 25.15
N GLY A 466 -1.01 -18.47 25.22
CA GLY A 466 -1.96 -18.10 26.25
C GLY A 466 -2.65 -16.81 25.89
N TYR A 467 -2.61 -15.85 26.81
CA TYR A 467 -3.25 -14.56 26.56
C TYR A 467 -2.39 -13.60 25.75
N ASP A 468 -1.14 -13.95 25.46
CA ASP A 468 -0.26 -13.13 24.64
C ASP A 468 -0.28 -13.49 23.17
N SER A 469 -1.09 -14.47 22.75
CA SER A 469 -1.11 -14.91 21.37
C SER A 469 -1.68 -13.83 20.47
N VAL A 470 -0.98 -13.54 19.38
CA VAL A 470 -1.33 -12.45 18.48
C VAL A 470 -2.50 -12.88 17.61
N LEU A 471 -3.30 -11.89 17.19
CA LEU A 471 -4.49 -12.11 16.37
C LEU A 471 -4.39 -11.37 15.04
N GLY A 472 -3.27 -11.50 14.36
CA GLY A 472 -3.12 -10.95 13.03
C GLY A 472 -3.73 -11.84 11.97
N ALA A 473 -3.34 -11.59 10.73
CA ALA A 473 -3.82 -12.39 9.61
C ALA A 473 -3.32 -13.82 9.73
N GLY A 474 -4.11 -14.77 9.25
CA GLY A 474 -3.72 -16.17 9.32
C GLY A 474 -3.94 -16.84 10.65
N SER A 475 -3.42 -16.25 11.73
CA SER A 475 -3.63 -16.76 13.08
C SER A 475 -4.95 -16.23 13.63
N ALA A 476 -6.03 -16.59 12.96
CA ALA A 476 -7.37 -16.09 13.26
C ALA A 476 -8.07 -17.05 14.23
N LEU A 477 -9.36 -16.84 14.41
CA LEU A 477 -10.25 -17.70 15.20
C LEU A 477 -11.45 -18.04 14.35
N SER A 478 -12.35 -18.85 14.90
CA SER A 478 -13.65 -19.04 14.27
C SER A 478 -14.51 -17.80 14.50
N GLY A 479 -15.61 -17.72 13.75
CA GLY A 479 -16.48 -16.56 13.86
C GLY A 479 -17.05 -16.38 15.25
N GLY A 480 -17.55 -17.47 15.83
CA GLY A 480 -18.08 -17.39 17.19
C GLY A 480 -17.03 -17.00 18.20
N GLU A 481 -15.80 -17.47 18.03
CA GLU A 481 -14.74 -17.17 18.98
C GLU A 481 -14.38 -15.68 18.94
N ARG A 482 -14.25 -15.10 17.75
CA ARG A 482 -13.93 -13.68 17.69
C ARG A 482 -15.11 -12.82 18.14
N GLN A 483 -16.33 -13.27 17.86
CA GLN A 483 -17.50 -12.59 18.40
C GLN A 483 -17.48 -12.60 19.93
N ARG A 484 -17.12 -13.75 20.53
CA ARG A 484 -17.00 -13.81 21.98
C ARG A 484 -15.87 -12.94 22.49
N VAL A 485 -14.80 -12.79 21.72
CA VAL A 485 -13.71 -11.90 22.13
C VAL A 485 -14.20 -10.46 22.17
N THR A 486 -14.99 -10.04 21.18
CA THR A 486 -15.53 -8.69 21.21
C THR A 486 -16.53 -8.52 22.35
N ILE A 487 -17.30 -9.57 22.65
CA ILE A 487 -18.20 -9.51 23.80
C ILE A 487 -17.41 -9.33 25.09
N ALA A 488 -16.29 -10.04 25.21
CA ALA A 488 -15.42 -9.88 26.38
C ALA A 488 -14.85 -8.48 26.44
N ARG A 489 -14.53 -7.90 25.29
CA ARG A 489 -14.08 -6.51 25.25
C ARG A 489 -15.13 -5.57 25.83
N ALA A 490 -16.38 -5.73 25.39
CA ALA A 490 -17.45 -4.89 25.91
C ALA A 490 -17.68 -5.13 27.40
N ILE A 491 -17.57 -6.39 27.84
CA ILE A 491 -17.72 -6.69 29.26
C ILE A 491 -16.64 -6.01 30.07
N LEU A 492 -15.40 -6.03 29.58
CA LEU A 492 -14.32 -5.36 30.29
C LEU A 492 -14.49 -3.86 30.31
N ALA A 493 -15.07 -3.29 29.25
CA ALA A 493 -15.32 -1.85 29.23
C ALA A 493 -16.21 -1.43 30.39
N ASP A 494 -17.29 -2.18 30.63
CA ASP A 494 -18.13 -2.01 31.82
C ASP A 494 -18.80 -0.64 31.84
N THR A 495 -19.53 -0.34 30.73
CA THR A 495 -20.25 0.92 30.63
C THR A 495 -21.64 0.80 31.25
N PRO A 496 -22.24 1.89 31.74
CA PRO A 496 -23.63 1.80 32.23
C PRO A 496 -24.63 1.42 31.16
N VAL A 497 -24.39 1.81 29.91
CA VAL A 497 -25.26 1.49 28.78
C VAL A 497 -24.49 0.53 27.87
N LEU A 498 -25.16 -0.55 27.45
CA LEU A 498 -24.56 -1.55 26.59
C LEU A 498 -25.47 -1.77 25.38
N VAL A 499 -24.85 -1.87 24.21
CA VAL A 499 -25.55 -2.16 22.96
C VAL A 499 -24.91 -3.40 22.36
N LEU A 500 -25.74 -4.33 21.90
CA LEU A 500 -25.30 -5.62 21.38
C LEU A 500 -25.95 -5.84 20.03
N ASP A 501 -25.23 -5.53 18.95
CA ASP A 501 -25.75 -5.66 17.59
C ASP A 501 -25.51 -7.08 17.12
N GLN A 502 -26.58 -7.89 17.12
CA GLN A 502 -26.54 -9.26 16.62
C GLN A 502 -25.45 -10.08 17.32
N ALA A 503 -25.26 -9.82 18.61
CA ALA A 503 -24.32 -10.61 19.39
C ALA A 503 -24.80 -12.06 19.49
N THR A 504 -23.85 -12.98 19.52
CA THR A 504 -24.11 -14.42 19.56
C THR A 504 -24.78 -14.93 18.29
N ALA A 505 -24.64 -14.21 17.17
CA ALA A 505 -25.19 -14.71 15.91
C ALA A 505 -24.42 -15.94 15.43
N PHE A 506 -23.11 -15.95 15.63
CA PHE A 506 -22.26 -17.09 15.28
C PHE A 506 -22.07 -18.06 16.45
N ALA A 507 -22.79 -17.87 17.55
CA ALA A 507 -22.65 -18.74 18.71
C ALA A 507 -23.62 -19.91 18.60
N ASP A 508 -23.17 -21.08 19.06
CA ASP A 508 -24.06 -22.22 19.18
C ASP A 508 -25.03 -21.98 20.35
N PRO A 509 -26.12 -22.75 20.42
CA PRO A 509 -27.10 -22.52 21.50
C PRO A 509 -26.54 -22.60 22.90
N GLU A 510 -25.58 -23.51 23.15
CA GLU A 510 -25.02 -23.63 24.49
C GLU A 510 -24.17 -22.41 24.85
N SER A 511 -23.26 -22.03 23.94
CA SER A 511 -22.45 -20.83 24.18
C SER A 511 -23.32 -19.59 24.23
N GLU A 512 -24.32 -19.52 23.36
CA GLU A 512 -25.24 -18.38 23.37
C GLU A 512 -25.96 -18.28 24.71
N TYR A 513 -26.45 -19.40 25.23
CA TYR A 513 -27.12 -19.38 26.51
C TYR A 513 -26.18 -18.95 27.62
N LEU A 514 -24.96 -19.48 27.63
CA LEU A 514 -24.02 -19.14 28.71
C LEU A 514 -23.63 -17.67 28.67
N VAL A 515 -23.30 -17.14 27.49
CA VAL A 515 -22.89 -15.74 27.42
C VAL A 515 -24.08 -14.82 27.69
N GLN A 516 -25.29 -15.20 27.27
CA GLN A 516 -26.45 -14.37 27.58
C GLN A 516 -26.74 -14.37 29.08
N GLN A 517 -26.55 -15.51 29.75
CA GLN A 517 -26.71 -15.54 31.20
C GLN A 517 -25.67 -14.65 31.88
N ALA A 518 -24.42 -14.69 31.40
CA ALA A 518 -23.39 -13.82 31.96
C ALA A 518 -23.73 -12.35 31.74
N ILE A 519 -24.22 -12.00 30.54
CA ILE A 519 -24.58 -10.61 30.25
C ILE A 519 -25.74 -10.16 31.13
N ASN A 520 -26.74 -11.03 31.31
CA ASN A 520 -27.86 -10.69 32.18
C ASN A 520 -27.39 -10.48 33.61
N ARG A 521 -26.45 -11.32 34.08
CA ARG A 521 -25.90 -11.13 35.41
C ARG A 521 -25.16 -9.80 35.53
N LEU A 522 -24.38 -9.44 34.50
CA LEU A 522 -23.52 -8.27 34.59
C LEU A 522 -24.23 -6.96 34.26
N THR A 523 -25.47 -7.01 33.74
CA THR A 523 -26.20 -5.82 33.32
C THR A 523 -27.61 -5.83 33.88
N ARG A 524 -27.77 -6.28 35.13
CA ARG A 524 -29.09 -6.27 35.75
C ARG A 524 -29.60 -4.86 35.96
N ASP A 525 -28.74 -3.95 36.42
CA ASP A 525 -29.11 -2.57 36.70
C ASP A 525 -28.69 -1.61 35.60
N ARG A 526 -28.21 -2.12 34.47
CA ARG A 526 -27.74 -1.30 33.35
C ARG A 526 -28.79 -1.20 32.26
N THR A 527 -28.64 -0.20 31.41
CA THR A 527 -29.44 -0.09 30.21
C THR A 527 -28.83 -0.97 29.14
N VAL A 528 -29.67 -1.80 28.52
CA VAL A 528 -29.22 -2.79 27.53
C VAL A 528 -30.11 -2.68 26.30
N LEU A 529 -29.48 -2.52 25.13
CA LEU A 529 -30.13 -2.63 23.84
C LEU A 529 -29.58 -3.86 23.14
N VAL A 530 -30.47 -4.72 22.67
CA VAL A 530 -30.12 -5.96 21.99
C VAL A 530 -30.77 -5.96 20.62
N ILE A 531 -30.00 -6.34 19.60
CA ILE A 531 -30.50 -6.57 18.26
C ILE A 531 -30.32 -8.04 17.97
N ALA A 532 -31.41 -8.71 17.61
CA ALA A 532 -31.40 -10.16 17.45
C ALA A 532 -32.39 -10.56 16.38
N HIS A 533 -31.91 -11.24 15.35
CA HIS A 533 -32.80 -11.93 14.42
C HIS A 533 -33.33 -13.23 15.00
N ARG A 534 -32.65 -13.79 16.00
CA ARG A 534 -33.13 -14.97 16.72
C ARG A 534 -34.10 -14.49 17.80
N LEU A 535 -35.38 -14.44 17.44
CA LEU A 535 -36.39 -13.89 18.34
C LEU A 535 -36.56 -14.73 19.60
N HIS A 536 -36.20 -16.01 19.58
CA HIS A 536 -36.36 -16.84 20.76
C HIS A 536 -35.41 -16.45 21.90
N THR A 537 -34.41 -15.63 21.64
CA THR A 537 -33.46 -15.19 22.66
C THR A 537 -33.82 -13.85 23.30
N ILE A 538 -34.90 -13.19 22.84
CA ILE A 538 -35.25 -11.86 23.31
C ILE A 538 -36.71 -11.81 23.74
N THR A 539 -37.27 -12.96 24.11
CA THR A 539 -38.65 -12.98 24.60
C THR A 539 -38.76 -12.41 26.01
N HIS A 540 -37.66 -12.38 26.77
CA HIS A 540 -37.66 -11.85 28.12
C HIS A 540 -37.51 -10.34 28.17
N ALA A 541 -37.33 -9.68 27.03
CA ALA A 541 -37.03 -8.26 27.03
C ALA A 541 -38.17 -7.45 27.64
N ASP A 542 -37.81 -6.42 28.41
CA ASP A 542 -38.81 -5.51 28.95
C ASP A 542 -39.57 -4.82 27.83
N GLN A 543 -38.88 -4.44 26.77
CA GLN A 543 -39.47 -3.81 25.60
C GLN A 543 -38.95 -4.49 24.35
N ILE A 544 -39.81 -4.65 23.35
CA ILE A 544 -39.43 -5.19 22.05
C ILE A 544 -39.91 -4.21 20.99
N VAL A 545 -38.98 -3.68 20.21
CA VAL A 545 -39.26 -2.66 19.21
C VAL A 545 -39.06 -3.29 17.84
N VAL A 546 -40.10 -3.28 17.02
CA VAL A 546 -40.06 -3.80 15.67
C VAL A 546 -39.79 -2.64 14.72
N LEU A 547 -38.66 -2.69 14.04
CA LEU A 547 -38.22 -1.66 13.11
C LEU A 547 -38.35 -2.22 11.70
N ASP A 548 -39.21 -1.61 10.90
CA ASP A 548 -39.43 -2.00 9.52
C ASP A 548 -39.30 -0.76 8.64
N ASP A 549 -38.52 -0.90 7.56
CA ASP A 549 -38.34 0.17 6.57
C ASP A 549 -37.87 1.47 7.21
N GLY A 550 -37.10 1.37 8.30
CA GLY A 550 -36.57 2.53 8.96
C GLY A 550 -37.49 3.21 9.94
N ARG A 551 -38.66 2.64 10.24
CA ARG A 551 -39.59 3.22 11.20
C ARG A 551 -40.12 2.15 12.12
N ILE A 552 -40.49 2.56 13.34
CA ILE A 552 -41.02 1.64 14.33
C ILE A 552 -42.46 1.33 13.99
N VAL A 553 -42.77 0.04 13.82
CA VAL A 553 -44.10 -0.39 13.40
C VAL A 553 -44.93 -0.94 14.55
N GLU A 554 -44.30 -1.42 15.63
CA GLU A 554 -45.03 -1.86 16.80
C GLU A 554 -44.05 -2.06 17.95
N VAL A 555 -44.52 -1.79 19.16
CA VAL A 555 -43.72 -1.89 20.37
C VAL A 555 -44.54 -2.59 21.44
N GLY A 556 -43.89 -3.45 22.21
CA GLY A 556 -44.56 -4.14 23.29
C GLY A 556 -43.70 -5.27 23.82
N THR A 557 -44.31 -6.12 24.63
CA THR A 557 -43.66 -7.31 25.14
C THR A 557 -43.85 -8.46 24.17
N HIS A 558 -43.27 -9.62 24.49
CA HIS A 558 -43.35 -10.77 23.61
C HIS A 558 -44.79 -11.23 23.43
N ASP A 559 -45.51 -11.45 24.53
CA ASP A 559 -46.87 -11.95 24.45
C ASP A 559 -47.79 -10.94 23.79
N GLU A 560 -47.62 -9.65 24.12
CA GLU A 560 -48.45 -8.61 23.49
C GLU A 560 -48.22 -8.56 21.99
N LEU A 561 -46.96 -8.67 21.55
CA LEU A 561 -46.67 -8.63 20.13
C LEU A 561 -47.18 -9.88 19.42
N LEU A 562 -47.12 -11.04 20.07
CA LEU A 562 -47.71 -12.23 19.48
C LEU A 562 -49.22 -12.08 19.33
N ALA A 563 -49.88 -11.54 20.36
CA ALA A 563 -51.32 -11.35 20.29
C ALA A 563 -51.71 -10.30 19.24
N ALA A 564 -50.84 -9.32 19.01
CA ALA A 564 -51.15 -8.25 18.07
C ALA A 564 -51.32 -8.77 16.65
N GLY A 565 -50.65 -9.87 16.31
CA GLY A 565 -50.75 -10.42 14.96
C GLY A 565 -50.18 -9.51 13.90
N GLY A 566 -49.04 -8.87 14.17
CA GLY A 566 -48.42 -7.96 13.23
C GLY A 566 -47.16 -8.52 12.60
N ARG A 567 -46.16 -7.65 12.38
CA ARG A 567 -44.90 -8.11 11.81
C ARG A 567 -44.17 -9.07 12.75
N TYR A 568 -44.24 -8.81 14.06
CA TYR A 568 -43.58 -9.69 15.01
C TYR A 568 -44.18 -11.09 14.97
N ARG A 569 -45.51 -11.19 14.87
CA ARG A 569 -46.14 -12.50 14.77
C ARG A 569 -45.70 -13.23 13.51
N GLY A 570 -45.62 -12.52 12.39
CA GLY A 570 -45.16 -13.15 11.16
C GLY A 570 -43.73 -13.65 11.26
N LEU A 571 -42.83 -12.82 11.81
CA LEU A 571 -41.45 -13.25 11.97
C LEU A 571 -41.34 -14.42 12.93
N TRP A 572 -42.12 -14.41 14.01
CA TRP A 572 -42.08 -15.51 14.96
C TRP A 572 -42.57 -16.80 14.31
N ASP A 573 -43.65 -16.72 13.53
CA ASP A 573 -44.15 -17.91 12.84
C ASP A 573 -43.15 -18.41 11.82
N SER A 574 -42.48 -17.49 11.11
CA SER A 574 -41.43 -17.91 10.19
C SER A 574 -40.25 -18.54 10.90
N GLY A 575 -39.99 -18.15 12.14
CA GLY A 575 -38.85 -18.68 12.87
C GLY A 575 -39.03 -20.08 13.40
N ARG A 576 -40.27 -20.52 13.57
CA ARG A 576 -40.54 -21.85 14.13
C ARG A 576 -40.58 -22.89 13.02
N ILE B 2 22.30 -6.67 -9.13
CA ILE B 2 21.90 -6.80 -10.56
C ILE B 2 21.52 -8.24 -10.88
N ARG B 3 22.08 -9.19 -10.12
CA ARG B 3 21.76 -10.60 -10.35
C ARG B 3 20.29 -10.88 -10.07
N THR B 4 19.74 -10.26 -9.02
CA THR B 4 18.32 -10.41 -8.74
C THR B 4 17.48 -9.83 -9.87
N LEU B 5 17.92 -8.72 -10.46
CA LEU B 5 17.19 -8.15 -11.59
C LEU B 5 17.19 -9.08 -12.79
N LEU B 6 18.36 -9.65 -13.12
CA LEU B 6 18.42 -10.59 -14.24
C LEU B 6 17.60 -11.84 -13.95
N ARG B 7 17.45 -12.21 -12.67
CA ARG B 7 16.56 -13.31 -12.32
C ARG B 7 15.11 -12.98 -12.66
N LEU B 8 14.72 -11.71 -12.52
CA LEU B 8 13.35 -11.27 -12.77
C LEU B 8 13.09 -10.85 -14.21
N VAL B 9 14.11 -10.80 -15.06
CA VAL B 9 13.88 -10.41 -16.45
C VAL B 9 13.14 -11.54 -17.17
N PRO B 10 12.18 -11.25 -18.06
CA PRO B 10 11.59 -12.34 -18.85
C PRO B 10 12.65 -13.05 -19.69
N ALA B 11 12.52 -14.38 -19.76
CA ALA B 11 13.49 -15.19 -20.50
C ALA B 11 13.48 -14.87 -21.99
N GLU B 12 12.38 -14.36 -22.52
CA GLU B 12 12.29 -13.95 -23.92
C GLU B 12 12.68 -12.49 -24.14
N LYS B 13 13.28 -11.85 -23.14
CA LYS B 13 13.75 -10.46 -23.22
C LYS B 13 15.26 -10.37 -23.07
N ARG B 14 15.97 -11.51 -23.03
CA ARG B 14 17.41 -11.48 -22.82
C ARG B 14 18.16 -10.90 -24.01
N GLY B 15 17.56 -10.90 -25.20
CA GLY B 15 18.19 -10.24 -26.34
C GLY B 15 18.34 -8.74 -26.12
N ALA B 16 17.36 -8.13 -25.47
CA ALA B 16 17.43 -6.70 -25.19
C ALA B 16 18.42 -6.39 -24.06
N VAL B 17 18.55 -7.30 -23.09
CA VAL B 17 19.49 -7.07 -21.99
C VAL B 17 20.92 -7.08 -22.51
N ALA B 18 21.25 -8.04 -23.38
CA ALA B 18 22.58 -8.07 -23.97
C ALA B 18 22.83 -6.83 -24.82
N GLY B 19 21.83 -6.42 -25.60
CA GLY B 19 21.97 -5.19 -26.37
C GLY B 19 22.06 -3.97 -25.48
N TYR B 20 21.33 -3.97 -24.36
CA TYR B 20 21.45 -2.88 -23.41
C TYR B 20 22.83 -2.83 -22.77
N ALA B 21 23.38 -4.00 -22.43
CA ALA B 21 24.69 -4.04 -21.80
C ALA B 21 25.80 -3.65 -22.76
N VAL B 22 25.64 -3.95 -24.04
CA VAL B 22 26.65 -3.56 -25.03
C VAL B 22 26.62 -2.05 -25.25
N LEU B 23 25.43 -1.48 -25.39
CA LEU B 23 25.32 -0.04 -25.61
C LEU B 23 25.69 0.75 -24.37
N THR B 24 25.45 0.20 -23.17
CA THR B 24 25.85 0.88 -21.96
C THR B 24 27.36 1.02 -21.86
N LEU B 25 28.10 -0.04 -22.22
CA LEU B 25 29.54 0.06 -22.25
C LEU B 25 30.01 1.00 -23.36
N LEU B 26 29.37 0.93 -24.52
CA LEU B 26 29.73 1.81 -25.62
C LEU B 26 29.48 3.27 -25.26
N SER B 27 28.41 3.53 -24.51
CA SER B 27 28.14 4.89 -24.06
C SER B 27 29.22 5.39 -23.11
N VAL B 28 29.69 4.53 -22.21
CA VAL B 28 30.73 4.93 -21.26
C VAL B 28 32.03 5.22 -22.00
N LEU B 29 32.41 4.35 -22.94
CA LEU B 29 33.66 4.55 -23.66
C LEU B 29 33.61 5.83 -24.50
N LEU B 30 32.47 6.11 -25.12
CA LEU B 30 32.34 7.34 -25.90
C LEU B 30 32.45 8.57 -25.01
N ARG B 31 31.86 8.53 -23.82
CA ARG B 31 31.99 9.65 -22.89
C ARG B 31 33.43 9.81 -22.44
N ALA B 32 34.12 8.70 -22.12
CA ALA B 32 35.49 8.78 -21.67
C ALA B 32 36.41 9.26 -22.79
N VAL B 33 36.22 8.76 -24.00
CA VAL B 33 37.07 9.15 -25.12
C VAL B 33 36.85 10.62 -25.46
N GLY B 34 35.60 11.10 -25.35
CA GLY B 34 35.34 12.50 -25.62
C GLY B 34 36.01 13.43 -24.64
N ALA B 35 36.07 13.02 -23.37
CA ALA B 35 36.77 13.81 -22.37
C ALA B 35 38.27 13.88 -22.67
N VAL B 36 38.87 12.75 -23.05
CA VAL B 36 40.31 12.70 -23.27
C VAL B 36 40.71 13.29 -24.62
N LEU B 37 39.79 13.36 -25.58
CA LEU B 37 40.10 14.00 -26.85
C LEU B 37 40.42 15.48 -26.70
N LEU B 38 39.98 16.10 -25.60
CA LEU B 38 40.31 17.51 -25.38
C LEU B 38 41.81 17.72 -25.21
N ILE B 39 42.52 16.73 -24.66
CA ILE B 39 43.95 16.90 -24.41
C ILE B 39 44.72 17.07 -25.71
N PRO B 40 44.58 16.21 -26.72
CA PRO B 40 45.16 16.54 -28.03
C PRO B 40 44.60 17.82 -28.64
N LEU B 41 43.30 18.07 -28.46
CA LEU B 41 42.66 19.21 -29.10
C LEU B 41 43.21 20.53 -28.58
N LEU B 42 43.39 20.64 -27.26
CA LEU B 42 43.87 21.89 -26.69
C LEU B 42 45.35 22.09 -26.93
N ALA B 43 46.13 21.00 -26.88
CA ALA B 43 47.55 21.11 -27.17
C ALA B 43 47.78 21.58 -28.61
N ALA B 44 46.98 21.06 -29.55
CA ALA B 44 47.07 21.54 -30.93
C ALA B 44 46.56 22.96 -31.05
N LEU B 45 45.52 23.32 -30.30
CA LEU B 45 44.93 24.65 -30.41
C LEU B 45 45.86 25.73 -29.88
N PHE B 46 46.58 25.43 -28.80
CA PHE B 46 47.53 26.37 -28.21
C PHE B 46 48.89 26.35 -28.89
N SER B 47 49.11 25.48 -29.87
CA SER B 47 50.41 25.39 -30.52
C SER B 47 50.55 26.48 -31.58
N ASP B 48 51.66 26.43 -32.32
CA ASP B 48 51.90 27.38 -33.40
C ASP B 48 51.05 27.10 -34.63
N THR B 49 50.39 25.94 -34.69
CA THR B 49 49.51 25.58 -35.81
C THR B 49 48.16 25.17 -35.22
N PRO B 50 47.31 26.15 -34.88
CA PRO B 50 45.99 25.79 -34.32
C PRO B 50 45.10 25.04 -35.29
N SER B 51 45.40 25.07 -36.60
CA SER B 51 44.61 24.32 -37.56
C SER B 51 44.70 22.81 -37.35
N ASP B 52 45.70 22.33 -36.60
CA ASP B 52 45.80 20.91 -36.30
C ASP B 52 44.68 20.42 -35.40
N ALA B 53 43.95 21.34 -34.73
CA ALA B 53 42.84 20.94 -33.88
C ALA B 53 41.61 20.52 -34.66
N TRP B 54 41.57 20.74 -35.98
CA TRP B 54 40.42 20.33 -36.78
C TRP B 54 40.25 18.81 -36.77
N LEU B 55 41.36 18.07 -36.81
CA LEU B 55 41.28 16.62 -36.76
C LEU B 55 40.65 16.16 -35.45
N TRP B 56 41.08 16.74 -34.33
CA TRP B 56 40.58 16.29 -33.03
C TRP B 56 39.17 16.82 -32.77
N LEU B 57 38.79 17.94 -33.37
CA LEU B 57 37.41 18.38 -33.28
C LEU B 57 36.50 17.50 -34.13
N GLY B 58 36.99 17.01 -35.27
CA GLY B 58 36.20 16.07 -36.05
C GLY B 58 35.97 14.76 -35.32
N TRP B 59 36.99 14.28 -34.60
CA TRP B 59 36.81 13.06 -33.82
C TRP B 59 35.97 13.30 -32.58
N LEU B 60 35.95 14.54 -32.07
CA LEU B 60 35.07 14.85 -30.95
C LEU B 60 33.62 14.92 -31.43
N THR B 61 33.39 15.45 -32.63
CA THR B 61 32.04 15.48 -33.17
C THR B 61 31.51 14.07 -33.39
N ALA B 62 32.34 13.18 -33.93
CA ALA B 62 31.92 11.80 -34.15
C ALA B 62 31.63 11.10 -32.83
N VAL B 63 32.50 11.28 -31.83
CA VAL B 63 32.28 10.66 -30.53
C VAL B 63 31.08 11.29 -29.83
N THR B 64 30.86 12.59 -30.03
CA THR B 64 29.70 13.25 -29.43
C THR B 64 28.41 12.82 -30.09
N LEU B 65 28.39 12.78 -31.43
CA LEU B 65 27.19 12.32 -32.13
C LEU B 65 26.88 10.86 -31.80
N ALA B 66 27.91 10.01 -31.76
CA ALA B 66 27.69 8.61 -31.44
C ALA B 66 27.18 8.45 -30.02
N GLY B 67 27.66 9.27 -29.09
CA GLY B 67 27.19 9.19 -27.72
C GLY B 67 25.71 9.52 -27.59
N TRP B 68 25.23 10.47 -28.39
CA TRP B 68 23.80 10.79 -28.38
C TRP B 68 22.98 9.60 -28.86
N VAL B 69 23.42 8.93 -29.93
CA VAL B 69 22.65 7.82 -30.47
C VAL B 69 22.68 6.63 -29.51
N THR B 70 23.84 6.32 -28.93
CA THR B 70 23.93 5.21 -28.00
C THR B 70 23.21 5.49 -26.69
N ASP B 71 22.91 6.76 -26.38
CA ASP B 71 22.21 7.12 -25.15
C ASP B 71 20.70 7.16 -25.33
N THR B 72 20.22 7.64 -26.48
CA THR B 72 18.79 7.55 -26.76
C THR B 72 18.36 6.09 -26.88
N ASN B 73 19.17 5.27 -27.53
CA ASN B 73 18.84 3.85 -27.66
C ASN B 73 18.93 3.14 -26.31
N THR B 74 19.95 3.47 -25.52
CA THR B 74 20.07 2.86 -24.20
C THR B 74 18.91 3.25 -23.30
N ALA B 75 18.37 4.46 -23.47
CA ALA B 75 17.19 4.86 -22.71
C ALA B 75 15.95 4.14 -23.20
N ARG B 76 15.82 3.95 -24.52
CA ARG B 76 14.69 3.24 -25.07
C ARG B 76 14.67 1.79 -24.61
N LEU B 77 15.84 1.13 -24.60
CA LEU B 77 15.91 -0.25 -24.15
C LEU B 77 15.72 -0.35 -22.65
N GLY B 78 16.27 0.60 -21.90
CA GLY B 78 16.06 0.59 -20.46
C GLY B 78 14.62 0.79 -20.07
N PHE B 79 13.91 1.63 -20.82
CA PHE B 79 12.48 1.80 -20.58
C PHE B 79 11.71 0.52 -20.84
N ASP B 80 12.04 -0.18 -21.92
CA ASP B 80 11.38 -1.44 -22.23
C ASP B 80 11.71 -2.52 -21.21
N LEU B 81 12.97 -2.59 -20.79
CA LEU B 81 13.36 -3.61 -19.81
C LEU B 81 12.69 -3.35 -18.47
N GLY B 82 12.59 -2.09 -18.05
CA GLY B 82 11.97 -1.80 -16.77
C GLY B 82 10.49 -2.14 -16.74
N PHE B 83 9.77 -1.79 -17.81
CA PHE B 83 8.34 -2.11 -17.88
C PHE B 83 8.11 -3.58 -18.23
N ALA B 84 9.02 -4.20 -18.98
CA ALA B 84 8.92 -5.64 -19.20
C ALA B 84 9.12 -6.41 -17.90
N VAL B 85 10.05 -5.98 -17.07
CA VAL B 85 10.26 -6.61 -15.77
C VAL B 85 9.07 -6.32 -14.86
N LEU B 86 8.51 -5.12 -14.94
CA LEU B 86 7.37 -4.76 -14.10
C LEU B 86 6.16 -5.63 -14.41
N SER B 87 5.86 -5.80 -15.70
CA SER B 87 4.67 -6.55 -16.08
C SER B 87 4.78 -8.02 -15.68
N ARG B 88 5.95 -8.63 -15.87
CA ARG B 88 6.10 -10.03 -15.51
C ARG B 88 5.97 -10.23 -14.01
N THR B 89 6.66 -9.40 -13.21
CA THR B 89 6.65 -9.60 -11.77
C THR B 89 5.25 -9.42 -11.20
N GLN B 90 4.52 -8.40 -11.66
CA GLN B 90 3.16 -8.20 -11.16
C GLN B 90 2.22 -9.27 -11.67
N HIS B 91 2.35 -9.66 -12.94
CA HIS B 91 1.53 -10.75 -13.46
C HIS B 91 1.87 -12.07 -12.78
N ASP B 92 3.16 -12.32 -12.52
CA ASP B 92 3.55 -13.55 -11.84
C ASP B 92 3.03 -13.58 -10.40
N MET B 93 3.15 -12.48 -9.68
CA MET B 93 2.63 -12.42 -8.31
C MET B 93 1.11 -12.54 -8.30
N ALA B 94 0.44 -11.92 -9.27
CA ALA B 94 -1.01 -12.00 -9.35
C ALA B 94 -1.46 -13.44 -9.57
N ASP B 95 -0.74 -14.18 -10.41
CA ASP B 95 -1.09 -15.58 -10.68
C ASP B 95 -0.70 -16.50 -9.54
N ARG B 96 0.41 -16.22 -8.87
CA ARG B 96 0.89 -17.13 -7.83
C ARG B 96 0.09 -17.01 -6.55
N LEU B 97 -0.30 -15.78 -6.17
CA LEU B 97 -0.92 -15.57 -4.86
C LEU B 97 -2.19 -16.37 -4.62
N PRO B 98 -3.11 -16.53 -5.58
CA PRO B 98 -4.26 -17.43 -5.33
C PRO B 98 -3.87 -18.87 -5.05
N ASN B 99 -2.69 -19.31 -5.49
CA ASN B 99 -2.24 -20.68 -5.25
C ASN B 99 -1.37 -20.81 -4.01
N VAL B 100 -1.04 -19.71 -3.33
CA VAL B 100 -0.21 -19.79 -2.14
C VAL B 100 -1.04 -20.36 -0.99
N ALA B 101 -0.38 -21.16 -0.14
CA ALA B 101 -1.05 -21.73 1.03
C ALA B 101 -1.54 -20.61 1.94
N MET B 102 -2.72 -20.84 2.54
CA MET B 102 -3.31 -19.81 3.41
C MET B 102 -2.44 -19.51 4.62
N SER B 103 -1.70 -20.50 5.11
CA SER B 103 -0.84 -20.28 6.26
C SER B 103 0.29 -19.30 5.97
N TRP B 104 0.62 -19.09 4.69
CA TRP B 104 1.66 -18.11 4.35
C TRP B 104 1.24 -16.69 4.71
N PHE B 105 -0.07 -16.40 4.69
CA PHE B 105 -0.56 -15.03 4.85
C PHE B 105 -0.58 -14.66 6.33
N THR B 106 0.61 -14.54 6.89
CA THR B 106 0.79 -13.92 8.19
C THR B 106 0.71 -12.40 8.03
N PRO B 107 0.54 -11.64 9.12
CA PRO B 107 0.52 -10.18 8.97
C PRO B 107 1.80 -9.61 8.36
N ASP B 108 2.96 -10.20 8.63
CA ASP B 108 4.18 -9.75 7.97
C ASP B 108 4.16 -10.09 6.49
N ASN B 109 3.79 -11.32 6.15
CA ASN B 109 3.75 -11.72 4.74
C ASN B 109 2.65 -10.99 3.99
N THR B 110 1.50 -10.76 4.66
CA THR B 110 0.44 -9.98 4.04
C THR B 110 0.91 -8.56 3.76
N ALA B 111 1.65 -7.97 4.70
CA ALA B 111 2.21 -6.64 4.48
C ALA B 111 3.23 -6.67 3.34
N THR B 112 4.06 -7.71 3.28
CA THR B 112 5.03 -7.84 2.20
C THR B 112 4.34 -7.96 0.85
N ALA B 113 3.27 -8.75 0.77
CA ALA B 113 2.56 -8.92 -0.48
C ALA B 113 1.90 -7.61 -0.91
N ARG B 114 1.29 -6.89 0.02
CA ARG B 114 0.66 -5.61 -0.30
C ARG B 114 1.69 -4.61 -0.80
N GLN B 115 2.84 -4.54 -0.13
CA GLN B 115 3.88 -3.61 -0.54
C GLN B 115 4.52 -4.02 -1.85
N ALA B 116 4.67 -5.33 -2.08
CA ALA B 116 5.17 -5.79 -3.38
C ALA B 116 4.23 -5.42 -4.51
N ILE B 117 2.92 -5.56 -4.29
CA ILE B 117 1.95 -5.15 -5.29
C ILE B 117 1.95 -3.63 -5.42
N ALA B 118 2.16 -2.92 -4.32
CA ALA B 118 2.15 -1.46 -4.34
C ALA B 118 3.30 -0.85 -5.12
N ALA B 119 4.32 -1.65 -5.47
CA ALA B 119 5.45 -1.18 -6.27
C ALA B 119 5.15 -1.13 -7.76
N THR B 120 3.88 -1.24 -8.17
CA THR B 120 3.53 -1.15 -9.57
C THR B 120 3.72 0.26 -10.13
N GLY B 121 3.85 1.27 -9.27
CA GLY B 121 3.96 2.65 -9.70
C GLY B 121 5.17 2.92 -10.59
N PRO B 122 5.32 4.18 -11.02
CA PRO B 122 6.38 4.50 -11.98
C PRO B 122 7.79 4.38 -11.43
N GLU B 123 7.96 4.33 -10.10
CA GLU B 123 9.31 4.28 -9.54
C GLU B 123 10.01 2.97 -9.90
N LEU B 124 9.31 1.84 -9.76
CA LEU B 124 9.90 0.56 -10.11
C LEU B 124 9.96 0.34 -11.61
N ALA B 125 8.99 0.89 -12.36
CA ALA B 125 8.98 0.70 -13.81
C ALA B 125 10.17 1.40 -14.45
N GLY B 126 10.57 2.57 -13.92
CA GLY B 126 11.67 3.32 -14.46
C GLY B 126 12.98 3.01 -13.76
N LEU B 127 13.11 1.80 -13.23
CA LEU B 127 14.30 1.44 -12.46
C LEU B 127 15.55 1.46 -13.32
N VAL B 128 15.46 0.92 -14.54
CA VAL B 128 16.66 0.81 -15.37
C VAL B 128 17.13 2.20 -15.82
N VAL B 129 16.21 3.03 -16.28
CA VAL B 129 16.58 4.36 -16.75
C VAL B 129 17.04 5.24 -15.59
N ASN B 130 16.38 5.12 -14.43
CA ASN B 130 16.64 6.04 -13.32
C ASN B 130 17.79 5.58 -12.43
N LEU B 131 18.02 4.28 -12.28
CA LEU B 131 19.03 3.76 -11.36
C LEU B 131 20.18 3.08 -12.09
N LEU B 132 19.93 2.06 -12.90
CA LEU B 132 21.02 1.26 -13.44
C LEU B 132 21.83 2.04 -14.47
N THR B 133 21.15 2.70 -15.41
CA THR B 133 21.87 3.43 -16.45
C THR B 133 22.79 4.52 -15.89
N PRO B 134 22.34 5.40 -14.97
CA PRO B 134 23.30 6.36 -14.40
C PRO B 134 24.28 5.73 -13.43
N LEU B 135 23.89 4.67 -12.71
CA LEU B 135 24.82 4.05 -11.77
C LEU B 135 25.93 3.31 -12.50
N ILE B 136 25.60 2.58 -13.56
CA ILE B 136 26.62 1.90 -14.34
C ILE B 136 27.45 2.92 -15.10
N GLY B 137 26.81 3.95 -15.65
CA GLY B 137 27.54 4.99 -16.36
C GLY B 137 28.49 5.74 -15.47
N ALA B 138 28.08 6.02 -14.23
CA ALA B 138 28.93 6.76 -13.31
C ALA B 138 30.02 5.88 -12.73
N ALA B 139 29.74 4.60 -12.48
CA ALA B 139 30.73 3.73 -11.89
C ALA B 139 31.87 3.42 -12.85
N LEU B 140 31.56 3.31 -14.15
CA LEU B 140 32.54 2.91 -15.15
C LEU B 140 33.24 4.07 -15.83
N LEU B 141 32.67 5.27 -15.78
CA LEU B 141 33.27 6.42 -16.47
C LEU B 141 34.68 6.74 -15.97
N PRO B 142 34.95 6.87 -14.67
CA PRO B 142 36.33 7.15 -14.26
C PRO B 142 37.29 6.01 -14.55
N ALA B 143 36.81 4.77 -14.56
CA ALA B 143 37.63 3.66 -15.02
C ALA B 143 37.94 3.79 -16.51
N ALA B 144 36.94 4.16 -17.30
CA ALA B 144 37.15 4.34 -18.73
C ALA B 144 38.08 5.52 -19.01
N ILE B 145 37.93 6.61 -18.26
CA ILE B 145 38.82 7.76 -18.43
C ILE B 145 40.25 7.38 -18.07
N GLY B 146 40.42 6.62 -16.98
CA GLY B 146 41.74 6.16 -16.61
C GLY B 146 42.38 5.28 -17.67
N VAL B 147 41.57 4.47 -18.36
CA VAL B 147 42.09 3.65 -19.44
C VAL B 147 42.45 4.52 -20.64
N ALA B 148 41.60 5.49 -20.97
CA ALA B 148 41.87 6.35 -22.12
C ALA B 148 43.07 7.25 -21.90
N LEU B 149 43.40 7.55 -20.64
CA LEU B 149 44.57 8.36 -20.34
C LEU B 149 45.88 7.58 -20.44
N LEU B 150 45.82 6.25 -20.52
CA LEU B 150 47.04 5.48 -20.77
C LEU B 150 47.60 5.78 -22.16
N PHE B 151 46.73 6.11 -23.12
CA PHE B 151 47.18 6.54 -24.44
C PHE B 151 47.75 7.95 -24.42
N VAL B 152 47.46 8.73 -23.39
CA VAL B 152 48.05 10.05 -23.21
C VAL B 152 49.31 9.97 -22.38
N SER B 153 49.27 9.24 -21.27
CA SER B 153 50.43 9.07 -20.41
C SER B 153 50.15 7.91 -19.47
N VAL B 154 51.05 6.93 -19.46
CA VAL B 154 50.84 5.73 -18.65
C VAL B 154 50.75 6.05 -17.16
N PRO B 155 51.71 6.75 -16.54
CA PRO B 155 51.56 7.05 -15.10
C PRO B 155 50.36 7.92 -14.79
N LEU B 156 49.91 8.74 -15.75
CA LEU B 156 48.70 9.52 -15.55
C LEU B 156 47.47 8.63 -15.47
N GLY B 157 47.36 7.64 -16.35
CA GLY B 157 46.22 6.75 -16.32
C GLY B 157 46.20 5.87 -15.09
N LEU B 158 47.38 5.43 -14.63
CA LEU B 158 47.43 4.62 -13.41
C LEU B 158 46.97 5.41 -12.20
N ALA B 159 47.36 6.69 -12.12
CA ALA B 159 46.87 7.53 -11.03
C ALA B 159 45.37 7.73 -11.13
N ALA B 160 44.84 7.88 -12.34
CA ALA B 160 43.40 7.96 -12.51
C ALA B 160 42.73 6.64 -12.14
N LEU B 161 43.33 5.51 -12.53
CA LEU B 161 42.76 4.21 -12.19
C LEU B 161 42.79 3.97 -10.69
N ALA B 162 43.87 4.37 -10.02
CA ALA B 162 43.96 4.17 -8.58
C ALA B 162 42.87 4.94 -7.83
N GLY B 163 42.40 6.05 -8.40
CA GLY B 163 41.29 6.77 -7.82
C GLY B 163 39.96 6.08 -7.98
N VAL B 164 39.87 5.10 -8.89
CA VAL B 164 38.63 4.34 -9.05
C VAL B 164 38.59 3.17 -8.06
N ALA B 165 39.75 2.70 -7.60
CA ALA B 165 39.77 1.68 -6.56
C ALA B 165 39.14 2.21 -5.28
N VAL B 166 39.38 3.48 -4.95
CA VAL B 166 38.73 4.08 -3.80
C VAL B 166 37.28 4.43 -4.08
N LEU B 167 36.90 4.60 -5.35
CA LEU B 167 35.49 4.82 -5.68
C LEU B 167 34.66 3.57 -5.39
N PHE B 168 35.11 2.41 -5.90
CA PHE B 168 34.40 1.18 -5.63
C PHE B 168 34.52 0.77 -4.17
N GLY B 169 35.64 1.12 -3.52
CA GLY B 169 35.74 0.90 -2.09
C GLY B 169 34.72 1.69 -1.31
N ALA B 170 34.53 2.96 -1.66
CA ALA B 170 33.49 3.77 -1.01
C ALA B 170 32.10 3.23 -1.34
N LEU B 171 31.88 2.80 -2.58
CA LEU B 171 30.59 2.25 -2.95
C LEU B 171 30.30 0.95 -2.21
N ALA B 172 31.31 0.09 -2.06
CA ALA B 172 31.09 -1.18 -1.37
C ALA B 172 30.78 -0.96 0.11
N LEU B 173 31.52 -0.05 0.76
CA LEU B 173 31.37 0.13 2.20
C LEU B 173 30.19 1.03 2.58
N SER B 174 29.69 1.85 1.66
CA SER B 174 28.65 2.81 2.01
C SER B 174 27.36 2.11 2.43
N GLY B 175 26.98 1.04 1.73
CA GLY B 175 25.76 0.34 2.06
C GLY B 175 25.79 -0.27 3.45
N ARG B 176 26.96 -0.75 3.87
CA ARG B 176 27.10 -1.39 5.16
C ARG B 176 27.10 -0.41 6.32
N LEU B 177 27.27 0.90 6.07
CA LEU B 177 27.27 1.88 7.14
C LEU B 177 25.86 2.19 7.63
N SER B 178 24.88 2.21 6.73
CA SER B 178 23.49 2.50 7.07
C SER B 178 22.58 1.32 6.75
N ARG B 179 23.12 0.10 6.77
CA ARG B 179 22.31 -1.07 6.49
C ARG B 179 21.24 -1.28 7.56
N ALA B 180 21.64 -1.19 8.82
CA ALA B 180 20.71 -1.47 9.92
C ALA B 180 19.65 -0.38 10.04
N ALA B 181 20.05 0.89 9.89
CA ALA B 181 19.10 1.98 9.99
C ALA B 181 18.07 1.91 8.86
N ASP B 182 18.51 1.60 7.65
CA ASP B 182 17.57 1.50 6.53
C ASP B 182 16.65 0.30 6.70
N LYS B 183 17.11 -0.75 7.38
CA LYS B 183 16.25 -1.89 7.66
C LYS B 183 15.16 -1.53 8.66
N VAL B 184 15.54 -0.86 9.75
CA VAL B 184 14.56 -0.48 10.77
C VAL B 184 13.60 0.55 10.21
N ALA B 185 14.07 1.44 9.33
CA ALA B 185 13.19 2.41 8.71
C ALA B 185 12.12 1.73 7.86
N GLY B 186 12.50 0.69 7.12
CA GLY B 186 11.54 -0.04 6.31
C GLY B 186 10.53 -0.80 7.16
N GLU B 187 11.00 -1.41 8.26
CA GLU B 187 10.10 -2.16 9.12
C GLU B 187 9.08 -1.25 9.79
N THR B 188 9.52 -0.11 10.31
CA THR B 188 8.60 0.82 10.95
C THR B 188 7.69 1.51 9.94
N ASN B 189 8.17 1.67 8.70
CA ASN B 189 7.33 2.28 7.67
C ASN B 189 6.24 1.32 7.21
N SER B 190 6.58 0.04 7.01
CA SER B 190 5.56 -0.94 6.65
C SER B 190 4.59 -1.16 7.80
N ALA B 191 5.09 -1.18 9.04
CA ALA B 191 4.21 -1.32 10.19
C ALA B 191 3.24 -0.16 10.30
N PHE B 192 3.70 1.05 9.97
CA PHE B 192 2.81 2.20 9.98
C PHE B 192 1.77 2.09 8.87
N THR B 193 2.14 1.51 7.73
CA THR B 193 1.18 1.31 6.65
C THR B 193 0.07 0.35 7.08
N GLU B 194 0.44 -0.72 7.78
CA GLU B 194 -0.56 -1.72 8.17
C GLU B 194 -1.48 -1.20 9.27
N ARG B 195 -0.98 -0.29 10.11
CA ARG B 195 -1.84 0.30 11.13
C ARG B 195 -2.79 1.33 10.55
N ILE B 196 -2.41 2.00 9.45
CA ILE B 196 -3.33 2.93 8.80
C ILE B 196 -4.51 2.18 8.20
N ILE B 197 -4.24 1.04 7.55
CA ILE B 197 -5.31 0.25 6.98
C ILE B 197 -6.19 -0.32 8.08
N GLU B 198 -5.58 -0.79 9.16
CA GLU B 198 -6.35 -1.24 10.33
C GLU B 198 -7.13 -0.08 10.94
N PHE B 199 -6.55 1.12 10.93
CA PHE B 199 -7.23 2.29 11.47
C PHE B 199 -8.50 2.60 10.68
N ALA B 200 -8.44 2.49 9.36
CA ALA B 200 -9.60 2.76 8.53
C ALA B 200 -10.62 1.62 8.58
N ARG B 201 -10.14 0.37 8.63
CA ARG B 201 -11.06 -0.77 8.63
C ARG B 201 -11.77 -0.90 9.98
N THR B 202 -11.02 -0.78 11.08
CA THR B 202 -11.54 -0.96 12.43
C THR B 202 -11.91 0.35 13.08
N GLN B 203 -12.35 1.34 12.29
CA GLN B 203 -12.59 2.67 12.81
C GLN B 203 -13.70 2.67 13.86
N GLN B 204 -14.79 1.93 13.61
CA GLN B 204 -15.92 1.93 14.51
C GLN B 204 -15.56 1.35 15.88
N ALA B 205 -14.83 0.22 15.89
CA ALA B 205 -14.49 -0.40 17.16
C ALA B 205 -13.45 0.40 17.92
N LEU B 206 -12.53 1.06 17.22
CA LEU B 206 -11.50 1.84 17.88
C LEU B 206 -12.08 3.10 18.52
N ARG B 207 -13.08 3.70 17.88
CA ARG B 207 -13.71 4.89 18.46
C ARG B 207 -14.44 4.56 19.77
N ALA B 208 -15.16 3.44 19.79
CA ALA B 208 -15.85 3.04 21.01
C ALA B 208 -14.87 2.74 22.14
N ALA B 209 -13.67 2.28 21.80
CA ALA B 209 -12.63 1.97 22.78
C ALA B 209 -11.78 3.18 23.15
N ARG B 210 -12.01 4.35 22.55
CA ARG B 210 -11.19 5.53 22.74
C ARG B 210 -9.73 5.28 22.36
N ARG B 211 -9.51 4.41 21.39
CA ARG B 211 -8.18 4.05 20.90
C ARG B 211 -7.95 4.63 19.50
N VAL B 212 -8.48 5.83 19.28
CA VAL B 212 -8.52 6.44 17.96
C VAL B 212 -7.67 7.70 17.86
N GLU B 213 -7.36 8.36 18.99
CA GLU B 213 -6.49 9.52 18.94
C GLU B 213 -5.03 9.07 18.84
N PRO B 214 -4.15 9.89 18.24
CA PRO B 214 -2.73 9.47 18.13
C PRO B 214 -2.06 9.20 19.46
N ALA B 215 -2.44 9.90 20.53
CA ALA B 215 -1.85 9.64 21.83
C ALA B 215 -2.28 8.31 22.44
N ARG B 216 -3.31 7.65 21.88
CA ARG B 216 -3.82 6.40 22.42
C ARG B 216 -3.99 5.31 21.37
N SER B 217 -3.84 5.60 20.09
CA SER B 217 -4.06 4.62 19.04
C SER B 217 -2.77 3.85 18.75
N GLN B 218 -2.94 2.67 18.13
CA GLN B 218 -1.80 1.89 17.67
C GLN B 218 -1.13 2.58 16.47
N VAL B 219 -1.92 3.22 15.61
CA VAL B 219 -1.35 3.93 14.48
C VAL B 219 -0.52 5.13 14.97
N GLY B 220 -0.93 5.76 16.05
CA GLY B 220 -0.14 6.84 16.62
C GLY B 220 1.21 6.36 17.13
N SER B 221 1.23 5.20 17.78
CA SER B 221 2.50 4.62 18.22
C SER B 221 3.37 4.25 17.04
N ALA B 222 2.76 3.73 15.97
CA ALA B 222 3.52 3.41 14.77
C ALA B 222 4.07 4.66 14.09
N LEU B 223 3.32 5.76 14.14
CA LEU B 223 3.82 7.02 13.59
C LEU B 223 5.04 7.51 14.34
N ALA B 224 5.01 7.43 15.68
CA ALA B 224 6.15 7.86 16.48
C ALA B 224 7.37 7.00 16.21
N ALA B 225 7.18 5.68 16.12
CA ALA B 225 8.29 4.78 15.80
C ALA B 225 8.77 5.01 14.38
N GLN B 226 7.85 5.23 13.44
CA GLN B 226 8.25 5.48 12.06
C GLN B 226 9.03 6.78 11.94
N HIS B 227 8.62 7.81 12.67
CA HIS B 227 9.33 9.08 12.64
C HIS B 227 10.73 8.94 13.22
N GLY B 228 10.85 8.28 14.38
CA GLY B 228 12.16 8.12 14.99
C GLY B 228 13.11 7.32 14.15
N ALA B 229 12.60 6.32 13.43
CA ALA B 229 13.45 5.52 12.55
C ALA B 229 13.87 6.33 11.31
N GLY B 230 13.00 7.20 10.82
CA GLY B 230 13.38 8.03 9.68
C GLY B 230 14.45 9.05 10.04
N LEU B 231 14.38 9.61 11.24
CA LEU B 231 15.42 10.54 11.68
C LEU B 231 16.74 9.82 11.93
N ARG B 232 16.68 8.60 12.46
CA ARG B 232 17.89 7.80 12.62
C ARG B 232 18.50 7.49 11.27
N LEU B 233 17.67 7.25 10.26
CA LEU B 233 18.20 6.96 8.92
C LEU B 233 18.94 8.15 8.34
N LEU B 234 18.43 9.37 8.57
CA LEU B 234 19.09 10.56 8.06
C LEU B 234 20.48 10.72 8.69
N THR B 235 20.60 10.46 9.99
CA THR B 235 21.87 10.62 10.68
C THR B 235 22.86 9.53 10.26
N MET B 236 22.38 8.30 10.10
CA MET B 236 23.27 7.19 9.75
C MET B 236 23.65 7.16 8.28
N GLN B 237 23.00 7.95 7.44
CA GLN B 237 23.44 8.14 6.07
C GLN B 237 24.54 9.18 5.93
N ILE B 238 24.88 9.90 7.00
CA ILE B 238 25.94 10.89 6.92
C ILE B 238 27.30 10.25 6.64
N PRO B 239 27.70 9.16 7.31
CA PRO B 239 28.98 8.53 6.96
C PRO B 239 29.06 8.08 5.51
N GLY B 240 27.94 7.65 4.92
CA GLY B 240 27.98 7.22 3.53
C GLY B 240 28.31 8.35 2.58
N GLN B 241 27.66 9.50 2.76
CA GLN B 241 27.90 10.64 1.88
C GLN B 241 29.30 11.21 2.08
N VAL B 242 29.77 11.23 3.32
CA VAL B 242 31.13 11.71 3.59
C VAL B 242 32.15 10.79 2.94
N LEU B 243 31.89 9.47 2.98
CA LEU B 243 32.83 8.52 2.41
C LEU B 243 32.98 8.71 0.91
N PHE B 244 31.89 8.98 0.20
CA PHE B 244 32.00 9.28 -1.22
C PHE B 244 32.72 10.60 -1.46
N SER B 245 32.52 11.58 -0.57
CA SER B 245 33.22 12.85 -0.70
C SER B 245 34.72 12.67 -0.50
N LEU B 246 35.12 11.88 0.50
CA LEU B 246 36.54 11.64 0.72
C LEU B 246 37.16 10.85 -0.41
N ALA B 247 36.38 9.95 -1.04
CA ALA B 247 36.88 9.25 -2.22
C ALA B 247 37.17 10.23 -3.35
N GLY B 248 36.27 11.19 -3.56
CA GLY B 248 36.52 12.21 -4.58
C GLY B 248 37.68 13.11 -4.23
N GLN B 249 37.83 13.43 -2.94
CA GLN B 249 38.99 14.21 -2.50
C GLN B 249 40.29 13.44 -2.71
N VAL B 250 40.29 12.15 -2.37
CA VAL B 250 41.48 11.33 -2.56
C VAL B 250 41.75 11.13 -4.05
N ALA B 251 40.67 10.98 -4.84
CA ALA B 251 40.84 10.84 -6.28
C ALA B 251 41.38 12.12 -6.91
N LEU B 252 40.94 13.28 -6.41
CA LEU B 252 41.42 14.55 -6.96
C LEU B 252 42.91 14.72 -6.72
N ILE B 253 43.39 14.37 -5.53
CA ILE B 253 44.81 14.57 -5.21
C ILE B 253 45.68 13.68 -6.09
N GLY B 254 45.29 12.42 -6.28
CA GLY B 254 46.08 11.53 -7.12
C GLY B 254 46.09 11.97 -8.58
N PHE B 255 44.92 12.33 -9.11
CA PHE B 255 44.86 12.81 -10.49
C PHE B 255 45.59 14.15 -10.64
N ALA B 256 45.26 15.11 -9.78
CA ALA B 256 45.89 16.43 -9.87
C ALA B 256 47.36 16.36 -9.48
N GLY B 257 47.70 15.55 -8.47
CA GLY B 257 49.09 15.46 -8.06
C GLY B 257 49.97 14.88 -9.15
N MET B 258 49.50 13.84 -9.83
CA MET B 258 50.29 13.25 -10.91
C MET B 258 50.39 14.20 -12.10
N ALA B 259 49.30 14.90 -12.41
CA ALA B 259 49.33 15.87 -13.52
C ALA B 259 50.31 16.99 -13.23
N VAL B 260 50.35 17.47 -11.99
CA VAL B 260 51.32 18.50 -11.62
C VAL B 260 52.73 17.93 -11.65
N TRP B 261 52.89 16.69 -11.19
CA TRP B 261 54.23 16.08 -11.16
C TRP B 261 54.78 15.89 -12.57
N LEU B 262 53.94 15.41 -13.49
CA LEU B 262 54.40 15.22 -14.87
C LEU B 262 54.73 16.54 -15.54
N THR B 263 53.90 17.57 -15.31
CA THR B 263 54.14 18.87 -15.93
C THR B 263 55.43 19.50 -15.44
N VAL B 264 55.71 19.39 -14.14
CA VAL B 264 56.96 19.89 -13.61
C VAL B 264 58.14 19.11 -14.18
N ARG B 265 57.96 17.79 -14.35
CA ARG B 265 58.98 16.98 -14.99
C ARG B 265 59.14 17.30 -16.47
N GLY B 266 58.16 17.96 -17.09
CA GLY B 266 58.20 18.26 -18.50
C GLY B 266 57.63 17.17 -19.40
N GLN B 267 57.30 16.00 -18.84
CA GLN B 267 56.69 14.94 -19.64
C GLN B 267 55.30 15.31 -20.14
N LEU B 268 54.66 16.30 -19.52
CA LEU B 268 53.31 16.73 -19.88
C LEU B 268 53.36 18.22 -20.20
N GLY B 269 52.78 18.60 -21.32
CA GLY B 269 52.80 19.99 -21.72
C GLY B 269 51.88 20.85 -20.87
N VAL B 270 52.15 22.16 -20.87
CA VAL B 270 51.29 23.09 -20.15
C VAL B 270 49.89 23.14 -20.72
N PRO B 271 49.69 23.24 -22.04
CA PRO B 271 48.30 23.14 -22.56
C PRO B 271 47.64 21.82 -22.25
N GLU B 272 48.40 20.72 -22.23
CA GLU B 272 47.83 19.42 -21.89
C GLU B 272 47.34 19.39 -20.45
N ALA B 273 48.13 19.97 -19.53
CA ALA B 273 47.72 20.00 -18.12
C ALA B 273 46.47 20.87 -17.94
N ILE B 274 46.36 21.95 -18.70
CA ILE B 274 45.15 22.78 -18.64
C ILE B 274 43.95 21.98 -19.12
N ALA B 275 44.12 21.22 -20.19
CA ALA B 275 43.06 20.33 -20.66
C ALA B 275 42.76 19.22 -19.66
N LEU B 276 43.73 18.86 -18.81
CA LEU B 276 43.51 17.83 -17.80
C LEU B 276 42.70 18.33 -16.61
N ILE B 277 42.64 19.64 -16.39
CA ILE B 277 41.73 20.17 -15.38
C ILE B 277 40.29 19.89 -15.79
N VAL B 278 39.98 20.10 -17.07
CA VAL B 278 38.64 19.80 -17.57
C VAL B 278 38.35 18.31 -17.49
N VAL B 279 39.36 17.48 -17.82
CA VAL B 279 39.19 16.04 -17.72
C VAL B 279 39.01 15.63 -16.26
N LEU B 280 39.71 16.31 -15.35
CA LEU B 280 39.58 16.00 -13.93
C LEU B 280 38.18 16.30 -13.42
N VAL B 281 37.56 17.37 -13.90
CA VAL B 281 36.18 17.68 -13.53
C VAL B 281 35.24 16.59 -14.04
N ARG B 282 35.41 16.17 -15.30
CA ARG B 282 34.64 15.05 -15.82
C ARG B 282 34.90 13.77 -15.04
N TYR B 283 36.13 13.61 -14.55
CA TYR B 283 36.50 12.40 -13.83
C TYR B 283 35.88 12.36 -12.44
N LEU B 284 35.61 13.52 -11.84
CA LEU B 284 35.08 13.61 -10.48
C LEU B 284 33.56 13.76 -10.43
N GLU B 285 32.91 14.09 -11.53
CA GLU B 285 31.45 14.14 -11.56
C GLU B 285 30.82 12.81 -11.17
N PRO B 286 31.25 11.66 -11.69
CA PRO B 286 30.64 10.39 -11.24
C PRO B 286 30.82 10.11 -9.75
N PHE B 287 31.85 10.67 -9.11
CA PHE B 287 32.00 10.47 -7.68
C PHE B 287 30.83 11.09 -6.91
N ALA B 288 30.36 12.25 -7.37
CA ALA B 288 29.20 12.88 -6.76
C ALA B 288 27.89 12.20 -7.19
N ALA B 289 27.83 11.76 -8.45
CA ALA B 289 26.62 11.09 -8.93
C ALA B 289 26.38 9.77 -8.22
N ILE B 290 27.44 9.02 -7.96
CA ILE B 290 27.29 7.73 -7.27
C ILE B 290 26.77 7.93 -5.87
N ALA B 291 27.17 9.02 -5.21
CA ALA B 291 26.69 9.31 -3.87
C ALA B 291 25.18 9.58 -3.87
N ASP B 292 24.69 10.24 -4.91
CA ASP B 292 23.26 10.52 -5.00
C ASP B 292 22.45 9.25 -5.26
N LEU B 293 23.02 8.30 -6.01
CA LEU B 293 22.30 7.07 -6.35
C LEU B 293 22.43 5.99 -5.28
N ALA B 294 23.31 6.15 -4.30
CA ALA B 294 23.45 5.13 -3.27
C ALA B 294 22.18 4.94 -2.45
N PRO B 295 21.50 5.99 -1.96
CA PRO B 295 20.21 5.75 -1.30
C PRO B 295 19.17 5.06 -2.19
N ALA B 296 19.14 5.39 -3.48
CA ALA B 296 18.17 4.77 -4.37
C ALA B 296 18.47 3.30 -4.59
N LEU B 297 19.75 2.92 -4.56
CA LEU B 297 20.12 1.52 -4.73
C LEU B 297 19.62 0.66 -3.57
N GLU B 298 19.59 1.22 -2.36
CA GLU B 298 19.19 0.44 -1.19
C GLU B 298 17.68 0.21 -1.15
N THR B 299 16.89 1.23 -1.50
CA THR B 299 15.44 1.04 -1.52
C THR B 299 15.03 0.09 -2.63
N THR B 300 15.74 0.11 -3.76
CA THR B 300 15.46 -0.84 -4.83
C THR B 300 15.75 -2.27 -4.38
N ARG B 301 16.84 -2.47 -3.64
CA ARG B 301 17.17 -3.81 -3.17
C ARG B 301 16.12 -4.32 -2.20
N ALA B 302 15.56 -3.43 -1.38
CA ALA B 302 14.46 -3.83 -0.50
C ALA B 302 13.19 -4.13 -1.29
N THR B 303 12.92 -3.34 -2.33
CA THR B 303 11.74 -3.56 -3.15
C THR B 303 11.79 -4.91 -3.85
N LEU B 304 12.94 -5.24 -4.44
CA LEU B 304 13.05 -6.49 -5.18
C LEU B 304 13.03 -7.70 -4.26
N ASN B 305 13.48 -7.54 -3.01
CA ASN B 305 13.37 -8.63 -2.05
C ASN B 305 11.92 -8.95 -1.73
N ARG B 306 11.08 -7.92 -1.60
CA ARG B 306 9.66 -8.16 -1.35
C ARG B 306 8.99 -8.85 -2.53
N ILE B 307 9.33 -8.42 -3.75
CA ILE B 307 8.77 -9.07 -4.94
C ILE B 307 9.21 -10.52 -5.01
N GLN B 308 10.49 -10.77 -4.74
CA GLN B 308 11.00 -12.14 -4.75
C GLN B 308 10.39 -12.97 -3.62
N ALA B 309 10.03 -12.34 -2.52
CA ALA B 309 9.41 -13.07 -1.42
C ALA B 309 8.06 -13.65 -1.84
N VAL B 310 7.27 -12.87 -2.59
CA VAL B 310 5.98 -13.36 -3.05
C VAL B 310 6.17 -14.47 -4.07
N LEU B 311 7.13 -14.31 -4.98
CA LEU B 311 7.37 -15.32 -6.00
C LEU B 311 7.99 -16.59 -5.42
N ASP B 312 8.59 -16.52 -4.24
CA ASP B 312 9.10 -17.69 -3.54
C ASP B 312 8.10 -18.30 -2.58
N ALA B 313 6.87 -17.79 -2.53
CA ALA B 313 5.90 -18.29 -1.58
C ALA B 313 5.52 -19.73 -1.92
N PRO B 314 5.29 -20.60 -0.93
CA PRO B 314 5.00 -22.00 -1.23
C PRO B 314 3.56 -22.17 -1.71
N THR B 315 3.40 -22.69 -2.92
CA THR B 315 2.08 -22.92 -3.48
C THR B 315 1.51 -24.24 -2.98
N LEU B 316 0.18 -24.36 -3.08
CA LEU B 316 -0.47 -25.58 -2.65
C LEU B 316 -0.16 -26.72 -3.61
N PRO B 317 -0.06 -27.96 -3.12
CA PRO B 317 0.07 -29.09 -4.05
C PRO B 317 -1.14 -29.19 -4.98
N ALA B 318 -0.86 -29.52 -6.24
CA ALA B 318 -1.90 -29.66 -7.25
C ALA B 318 -1.44 -30.67 -8.28
N GLY B 319 -2.41 -31.22 -9.01
CA GLY B 319 -2.18 -32.25 -10.00
C GLY B 319 -2.77 -31.87 -11.34
N ARG B 320 -3.14 -32.90 -12.10
CA ARG B 320 -3.73 -32.75 -13.43
C ARG B 320 -5.05 -33.49 -13.59
N ARG B 321 -5.50 -34.23 -12.58
CA ARG B 321 -6.71 -35.01 -12.69
C ARG B 321 -7.93 -34.10 -12.82
N ARG B 322 -9.01 -34.67 -13.36
CA ARG B 322 -10.29 -33.98 -13.49
C ARG B 322 -11.40 -34.96 -13.17
N LEU B 323 -12.53 -34.43 -12.72
CA LEU B 323 -13.67 -35.27 -12.41
C LEU B 323 -14.23 -35.91 -13.68
N ASP B 324 -14.69 -37.16 -13.55
CA ASP B 324 -15.16 -37.90 -14.72
C ASP B 324 -16.40 -37.26 -15.33
N ARG B 325 -17.49 -37.21 -14.58
CA ARG B 325 -18.74 -36.68 -15.09
C ARG B 325 -18.66 -35.17 -15.22
N THR B 326 -19.47 -34.63 -16.13
CA THR B 326 -19.55 -33.21 -16.43
C THR B 326 -20.86 -32.67 -15.88
N GLY B 327 -20.79 -31.99 -14.74
CA GLY B 327 -21.94 -31.37 -14.13
C GLY B 327 -22.75 -32.26 -13.21
N ALA B 328 -22.42 -33.54 -13.11
CA ALA B 328 -23.12 -34.44 -12.21
C ALA B 328 -22.67 -34.20 -10.78
N ALA B 329 -23.59 -34.44 -9.85
CA ALA B 329 -23.28 -34.25 -8.44
C ALA B 329 -22.24 -35.29 -8.00
N PRO B 330 -21.09 -34.90 -7.47
CA PRO B 330 -20.12 -35.90 -7.01
C PRO B 330 -20.43 -36.37 -5.59
N SER B 331 -19.73 -37.43 -5.19
CA SER B 331 -19.73 -37.90 -3.82
C SER B 331 -18.58 -37.23 -3.07
N ILE B 332 -18.84 -36.87 -1.81
CA ILE B 332 -17.84 -36.26 -0.93
C ILE B 332 -17.58 -37.26 0.18
N GLU B 333 -16.32 -37.62 0.38
CA GLU B 333 -15.95 -38.52 1.46
C GLU B 333 -14.62 -38.10 2.05
N PHE B 334 -14.52 -38.20 3.37
CA PHE B 334 -13.28 -38.00 4.10
C PHE B 334 -12.73 -39.37 4.48
N ASP B 335 -11.46 -39.59 4.20
CA ASP B 335 -10.78 -40.86 4.46
C ASP B 335 -9.70 -40.61 5.51
N ASP B 336 -10.11 -40.66 6.79
CA ASP B 336 -9.20 -40.47 7.91
C ASP B 336 -8.46 -39.14 7.81
N VAL B 337 -9.22 -38.07 7.61
CA VAL B 337 -8.64 -36.75 7.40
C VAL B 337 -8.22 -36.16 8.74
N ARG B 338 -6.97 -35.70 8.80
CA ARG B 338 -6.42 -34.98 9.95
C ARG B 338 -5.96 -33.60 9.49
N PHE B 339 -6.25 -32.59 10.29
CA PHE B 339 -5.85 -31.22 9.99
C PHE B 339 -5.43 -30.53 11.28
N SER B 340 -4.49 -29.59 11.15
CA SER B 340 -3.99 -28.83 12.28
C SER B 340 -3.60 -27.44 11.80
N TYR B 341 -4.01 -26.42 12.54
CA TYR B 341 -3.50 -25.06 12.38
C TYR B 341 -2.27 -24.92 13.28
N GLY B 342 -1.09 -24.84 12.67
CA GLY B 342 0.12 -24.87 13.46
C GLY B 342 0.24 -26.20 14.19
N ASP B 343 0.52 -26.14 15.49
CA ASP B 343 0.63 -27.33 16.31
C ASP B 343 -0.70 -27.77 16.93
N GLU B 344 -1.75 -26.95 16.83
CA GLU B 344 -3.02 -27.27 17.43
C GLU B 344 -3.83 -28.16 16.49
N VAL B 345 -4.28 -29.29 17.00
CA VAL B 345 -5.04 -30.25 16.20
C VAL B 345 -6.47 -29.74 16.03
N VAL B 346 -6.94 -29.68 14.79
CA VAL B 346 -8.31 -29.27 14.48
C VAL B 346 -9.15 -30.52 14.30
N LEU B 347 -8.80 -31.34 13.30
CA LEU B 347 -9.49 -32.59 13.01
C LEU B 347 -8.61 -33.76 13.37
N ASP B 348 -9.22 -34.84 13.85
CA ASP B 348 -8.51 -36.04 14.30
C ASP B 348 -9.28 -37.26 13.79
N GLY B 349 -8.89 -37.75 12.61
CA GLY B 349 -9.46 -38.96 12.06
C GLY B 349 -10.93 -38.85 11.69
N VAL B 350 -11.33 -37.74 11.06
CA VAL B 350 -12.70 -37.56 10.64
C VAL B 350 -12.92 -38.35 9.35
N SER B 351 -13.86 -39.30 9.38
CA SER B 351 -14.17 -40.14 8.24
C SER B 351 -15.68 -40.15 8.03
N PHE B 352 -16.11 -39.95 6.79
CA PHE B 352 -17.52 -40.03 6.43
C PHE B 352 -17.60 -40.09 4.91
N THR B 353 -18.81 -40.38 4.42
CA THR B 353 -19.11 -40.34 3.00
C THR B 353 -20.48 -39.70 2.81
N LEU B 354 -20.56 -38.79 1.85
CA LEU B 354 -21.80 -38.08 1.55
C LEU B 354 -22.28 -38.50 0.16
N ARG B 355 -23.53 -38.94 0.09
CA ARG B 355 -24.05 -39.48 -1.15
C ARG B 355 -24.14 -38.39 -2.22
N PRO B 356 -24.05 -38.75 -3.50
CA PRO B 356 -24.21 -37.73 -4.54
C PRO B 356 -25.58 -37.07 -4.50
N GLY B 357 -25.59 -35.76 -4.74
CA GLY B 357 -26.84 -35.04 -4.92
C GLY B 357 -27.77 -35.05 -3.73
N ASN B 358 -27.22 -35.03 -2.52
CA ASN B 358 -28.02 -35.03 -1.29
C ASN B 358 -27.49 -33.96 -0.35
N THR B 359 -28.41 -33.41 0.43
CA THR B 359 -28.09 -32.32 1.36
C THR B 359 -27.66 -32.90 2.69
N THR B 360 -26.53 -32.41 3.20
CA THR B 360 -25.98 -32.82 4.49
C THR B 360 -25.81 -31.59 5.37
N ALA B 361 -26.06 -31.78 6.67
CA ALA B 361 -25.94 -30.73 7.66
C ALA B 361 -24.78 -31.03 8.60
N ILE B 362 -23.99 -29.99 8.91
CA ILE B 362 -22.92 -30.08 9.89
C ILE B 362 -23.26 -29.08 11.00
N VAL B 363 -23.40 -29.59 12.22
CA VAL B 363 -23.74 -28.77 13.38
C VAL B 363 -22.79 -29.14 14.51
N GLY B 364 -22.65 -28.23 15.46
CA GLY B 364 -21.85 -28.46 16.63
C GLY B 364 -21.41 -27.18 17.31
N PRO B 365 -20.69 -27.31 18.42
CA PRO B 365 -20.26 -26.10 19.15
C PRO B 365 -19.31 -25.24 18.34
N SER B 366 -19.14 -24.00 18.80
CA SER B 366 -18.19 -23.10 18.18
C SER B 366 -16.77 -23.62 18.35
N GLY B 367 -15.98 -23.51 17.29
CA GLY B 367 -14.63 -24.02 17.30
C GLY B 367 -14.52 -25.53 17.18
N SER B 368 -15.61 -26.22 16.86
CA SER B 368 -15.56 -27.67 16.73
C SER B 368 -14.71 -28.08 15.52
N GLY B 369 -14.83 -27.33 14.42
CA GLY B 369 -14.05 -27.58 13.23
C GLY B 369 -14.88 -27.68 11.96
N LYS B 370 -16.15 -27.27 12.03
CA LYS B 370 -17.05 -27.43 10.89
C LYS B 370 -16.79 -26.44 9.76
N THR B 371 -16.17 -25.30 10.04
CA THR B 371 -15.70 -24.43 8.96
C THR B 371 -14.43 -24.97 8.31
N THR B 372 -13.57 -25.64 9.09
CA THR B 372 -12.39 -26.26 8.52
C THR B 372 -12.77 -27.42 7.59
N ILE B 373 -13.85 -28.14 7.92
CA ILE B 373 -14.30 -29.24 7.06
C ILE B 373 -14.70 -28.71 5.69
N LEU B 374 -15.43 -27.59 5.66
CA LEU B 374 -15.83 -27.03 4.38
C LEU B 374 -14.64 -26.56 3.57
N SER B 375 -13.63 -25.98 4.23
CA SER B 375 -12.45 -25.50 3.52
C SER B 375 -11.68 -26.66 2.90
N LEU B 376 -11.62 -27.79 3.60
CA LEU B 376 -10.96 -28.97 3.05
C LEU B 376 -11.68 -29.50 1.83
N ILE B 377 -13.02 -29.52 1.85
CA ILE B 377 -13.78 -29.97 0.69
C ILE B 377 -13.53 -29.04 -0.49
N ALA B 378 -13.54 -27.73 -0.25
CA ALA B 378 -13.35 -26.76 -1.31
C ALA B 378 -11.91 -26.65 -1.77
N GLY B 379 -10.95 -27.19 -1.01
CA GLY B 379 -9.56 -27.11 -1.37
C GLY B 379 -8.84 -25.88 -0.89
N LEU B 380 -9.50 -25.01 -0.11
CA LEU B 380 -8.81 -23.84 0.43
C LEU B 380 -7.68 -24.27 1.36
N GLN B 381 -7.94 -25.26 2.21
CA GLN B 381 -6.93 -25.94 3.01
C GLN B 381 -6.79 -27.36 2.48
N GLN B 382 -5.71 -28.02 2.88
CA GLN B 382 -5.44 -29.40 2.51
C GLN B 382 -5.12 -30.22 3.74
N PRO B 383 -5.48 -31.51 3.77
CA PRO B 383 -5.25 -32.30 4.99
C PRO B 383 -3.77 -32.46 5.33
N ALA B 384 -3.48 -32.47 6.63
CA ALA B 384 -2.16 -32.90 7.07
C ALA B 384 -1.91 -34.36 6.71
N SER B 385 -2.92 -35.20 6.92
CA SER B 385 -2.89 -36.59 6.47
C SER B 385 -4.30 -36.97 6.06
N GLY B 386 -4.47 -38.21 5.63
CA GLY B 386 -5.75 -38.60 5.06
C GLY B 386 -5.90 -38.02 3.67
N ARG B 387 -7.14 -38.06 3.18
CA ARG B 387 -7.41 -37.63 1.82
C ARG B 387 -8.89 -37.34 1.66
N VAL B 388 -9.19 -36.13 1.18
CA VAL B 388 -10.56 -35.75 0.80
C VAL B 388 -10.75 -36.13 -0.66
N LEU B 389 -11.83 -36.84 -0.95
CA LEU B 389 -12.09 -37.40 -2.27
C LEU B 389 -13.39 -36.85 -2.82
N LEU B 390 -13.37 -36.39 -4.06
CA LEU B 390 -14.55 -35.92 -4.78
C LEU B 390 -14.84 -36.92 -5.90
N ASP B 391 -15.92 -37.68 -5.74
CA ASP B 391 -16.30 -38.71 -6.69
C ASP B 391 -15.19 -39.75 -6.83
N GLY B 392 -14.53 -40.07 -5.72
CA GLY B 392 -13.44 -41.01 -5.71
C GLY B 392 -12.09 -40.47 -6.12
N VAL B 393 -12.02 -39.19 -6.49
CA VAL B 393 -10.79 -38.56 -6.97
C VAL B 393 -10.26 -37.65 -5.85
N ASP B 394 -9.00 -37.84 -5.49
CA ASP B 394 -8.38 -37.01 -4.47
C ASP B 394 -8.31 -35.56 -4.93
N VAL B 395 -8.69 -34.64 -4.04
CA VAL B 395 -8.76 -33.23 -4.40
C VAL B 395 -7.38 -32.67 -4.68
N THR B 396 -6.36 -33.13 -3.95
CA THR B 396 -5.01 -32.61 -4.15
C THR B 396 -4.45 -32.96 -5.52
N THR B 397 -4.96 -34.01 -6.17
CA THR B 397 -4.53 -34.40 -7.50
C THR B 397 -5.34 -33.72 -8.60
N LEU B 398 -6.37 -32.95 -8.26
CA LEU B 398 -7.20 -32.34 -9.28
C LEU B 398 -6.48 -31.17 -9.95
N ASP B 399 -6.86 -30.91 -11.19
CA ASP B 399 -6.45 -29.69 -11.86
C ASP B 399 -6.97 -28.49 -11.07
N PRO B 400 -6.15 -27.43 -10.86
CA PRO B 400 -6.72 -26.24 -10.20
C PRO B 400 -7.91 -25.65 -10.92
N GLU B 401 -7.92 -25.67 -12.25
CA GLU B 401 -9.09 -25.20 -12.99
C GLU B 401 -10.30 -26.08 -12.73
N ALA B 402 -10.10 -27.41 -12.68
CA ALA B 402 -11.18 -28.32 -12.38
C ALA B 402 -11.54 -28.33 -10.90
N ARG B 403 -10.59 -28.02 -10.03
CA ARG B 403 -10.87 -28.03 -8.59
C ARG B 403 -11.80 -26.89 -8.20
N ARG B 404 -11.54 -25.68 -8.72
CA ARG B 404 -12.39 -24.55 -8.37
C ARG B 404 -13.77 -24.67 -9.00
N ALA B 405 -13.85 -25.28 -10.19
CA ALA B 405 -15.13 -25.45 -10.87
C ALA B 405 -16.01 -26.49 -10.19
N ALA B 406 -15.50 -27.25 -9.23
CA ALA B 406 -16.25 -28.31 -8.59
C ALA B 406 -17.07 -27.84 -7.39
N VAL B 407 -16.72 -26.71 -6.78
CA VAL B 407 -17.31 -26.29 -5.51
C VAL B 407 -17.65 -24.80 -5.57
N SER B 408 -18.84 -24.44 -5.10
CA SER B 408 -19.22 -23.06 -4.83
C SER B 408 -19.49 -22.92 -3.34
N VAL B 409 -18.98 -21.85 -2.74
CA VAL B 409 -18.95 -21.68 -1.29
C VAL B 409 -19.68 -20.42 -0.91
N VAL B 410 -20.47 -20.50 0.16
CA VAL B 410 -20.99 -19.34 0.88
C VAL B 410 -20.22 -19.31 2.20
N PHE B 411 -19.42 -18.26 2.38
CA PHE B 411 -18.50 -18.21 3.52
C PHE B 411 -19.20 -17.68 4.76
N GLN B 412 -18.64 -18.01 5.92
CA GLN B 412 -19.21 -17.60 7.20
C GLN B 412 -19.22 -16.09 7.33
N HIS B 413 -18.14 -15.43 6.89
CA HIS B 413 -17.98 -13.98 6.94
C HIS B 413 -17.98 -13.46 5.51
N PRO B 414 -19.13 -13.12 4.93
CA PRO B 414 -19.17 -12.78 3.50
C PRO B 414 -18.34 -11.55 3.18
N TYR B 415 -17.66 -11.59 2.05
CA TYR B 415 -16.80 -10.51 1.58
C TYR B 415 -17.19 -10.17 0.15
N LEU B 416 -17.69 -8.96 -0.04
CA LEU B 416 -17.96 -8.42 -1.36
C LEU B 416 -16.82 -7.51 -1.78
N PHE B 417 -16.62 -7.39 -3.08
CA PHE B 417 -15.59 -6.51 -3.63
C PHE B 417 -16.16 -5.13 -3.87
N ASP B 418 -15.29 -4.13 -3.76
CA ASP B 418 -15.75 -2.74 -3.78
C ASP B 418 -16.20 -2.36 -5.18
N GLY B 419 -17.47 -2.58 -5.46
CA GLY B 419 -18.06 -2.23 -6.73
C GLY B 419 -19.56 -2.26 -6.62
N THR B 420 -20.20 -2.46 -7.77
CA THR B 420 -21.66 -2.55 -7.78
C THR B 420 -22.12 -3.89 -7.25
N LEU B 421 -23.40 -3.96 -6.89
CA LEU B 421 -23.97 -5.19 -6.36
C LEU B 421 -24.02 -6.27 -7.44
N ARG B 422 -24.32 -5.88 -8.69
CA ARG B 422 -24.41 -6.86 -9.77
C ARG B 422 -23.05 -7.50 -10.05
N ASP B 423 -21.98 -6.70 -9.98
CA ASP B 423 -20.65 -7.25 -10.25
C ASP B 423 -20.26 -8.31 -9.23
N ASN B 424 -20.65 -8.12 -7.98
CA ASN B 424 -20.35 -9.11 -6.95
C ASN B 424 -21.12 -10.41 -7.19
N VAL B 425 -22.35 -10.31 -7.68
CA VAL B 425 -23.11 -11.51 -8.01
C VAL B 425 -22.54 -12.19 -9.24
N LEU B 426 -22.10 -11.41 -10.23
CA LEU B 426 -21.55 -11.96 -11.46
C LEU B 426 -20.21 -12.65 -11.26
N VAL B 427 -19.58 -12.50 -10.09
CA VAL B 427 -18.33 -13.21 -9.82
C VAL B 427 -18.56 -14.72 -9.82
N GLY B 428 -19.77 -15.17 -9.47
CA GLY B 428 -20.06 -16.59 -9.48
C GLY B 428 -19.99 -17.20 -10.87
N ASP B 429 -20.43 -16.45 -11.87
CA ASP B 429 -20.40 -16.92 -13.25
C ASP B 429 -20.43 -15.71 -14.18
N PRO B 430 -19.27 -15.13 -14.52
CA PRO B 430 -19.30 -13.89 -15.32
C PRO B 430 -19.98 -14.02 -16.66
N GLU B 431 -20.00 -15.22 -17.26
CA GLU B 431 -20.62 -15.44 -18.55
C GLU B 431 -22.10 -15.82 -18.44
N ALA B 432 -22.68 -15.78 -17.24
CA ALA B 432 -24.07 -16.19 -17.06
C ALA B 432 -25.02 -15.24 -17.79
N ASP B 433 -26.13 -15.80 -18.27
CA ASP B 433 -27.13 -15.02 -18.96
C ASP B 433 -27.89 -14.16 -17.97
N PRO B 434 -28.59 -13.11 -18.45
CA PRO B 434 -29.41 -12.31 -17.52
C PRO B 434 -30.46 -13.11 -16.79
N ASP B 435 -31.06 -14.12 -17.43
CA ASP B 435 -32.04 -14.95 -16.75
C ASP B 435 -31.42 -15.71 -15.59
N ASP B 436 -30.20 -16.22 -15.77
CA ASP B 436 -29.52 -16.92 -14.69
C ASP B 436 -29.19 -15.99 -13.54
N VAL B 437 -28.76 -14.76 -13.85
CA VAL B 437 -28.42 -13.81 -12.79
C VAL B 437 -29.66 -13.43 -12.00
N THR B 438 -30.77 -13.14 -12.68
CA THR B 438 -32.01 -12.81 -11.98
C THR B 438 -32.53 -14.00 -11.19
N ALA B 439 -32.35 -15.21 -11.71
CA ALA B 439 -32.76 -16.40 -10.98
C ALA B 439 -31.95 -16.56 -9.69
N ALA B 440 -30.65 -16.31 -9.75
CA ALA B 440 -29.83 -16.41 -8.55
C ALA B 440 -30.21 -15.36 -7.52
N MET B 441 -30.42 -14.12 -7.96
CA MET B 441 -30.81 -13.06 -7.03
C MET B 441 -32.20 -13.30 -6.46
N ARG B 442 -33.12 -13.81 -7.28
CA ARG B 442 -34.46 -14.11 -6.79
C ARG B 442 -34.42 -15.20 -5.73
N LEU B 443 -33.60 -16.23 -5.94
CA LEU B 443 -33.50 -17.31 -4.97
C LEU B 443 -32.92 -16.84 -3.65
N ALA B 444 -31.91 -15.98 -3.70
CA ALA B 444 -31.22 -15.51 -2.51
C ALA B 444 -31.93 -14.34 -1.82
N ARG B 445 -33.14 -13.98 -2.27
CA ARG B 445 -33.88 -12.83 -1.73
C ARG B 445 -33.10 -11.53 -1.88
N VAL B 446 -32.22 -11.46 -2.89
CA VAL B 446 -31.59 -10.19 -3.24
C VAL B 446 -32.53 -9.32 -4.06
N ASP B 447 -33.56 -9.91 -4.68
CA ASP B 447 -34.54 -9.13 -5.42
C ASP B 447 -35.28 -8.15 -4.51
N GLU B 448 -35.36 -8.45 -3.20
CA GLU B 448 -35.92 -7.50 -2.25
C GLU B 448 -35.06 -6.24 -2.18
N LEU B 449 -33.74 -6.41 -2.19
CA LEU B 449 -32.84 -5.25 -2.11
C LEU B 449 -33.00 -4.34 -3.31
N LEU B 450 -33.18 -4.92 -4.50
CA LEU B 450 -33.15 -4.14 -5.73
C LEU B 450 -34.26 -3.10 -5.76
N ASP B 451 -35.46 -3.47 -5.33
CA ASP B 451 -36.54 -2.50 -5.19
C ASP B 451 -36.36 -1.64 -3.95
N ARG B 452 -35.85 -2.20 -2.86
CA ARG B 452 -35.65 -1.44 -1.63
C ARG B 452 -34.62 -0.34 -1.83
N LEU B 453 -33.49 -0.67 -2.47
CA LEU B 453 -32.44 0.31 -2.69
C LEU B 453 -32.80 1.22 -3.87
N PRO B 454 -32.29 2.46 -3.90
CA PRO B 454 -32.67 3.37 -4.99
C PRO B 454 -31.98 3.05 -6.31
N ASP B 455 -30.72 2.64 -6.24
CA ASP B 455 -29.95 2.33 -7.45
C ASP B 455 -30.19 0.91 -7.96
N GLY B 456 -30.86 0.05 -7.18
CA GLY B 456 -31.02 -1.32 -7.61
C GLY B 456 -29.72 -2.09 -7.51
N ASP B 457 -29.49 -2.98 -8.49
CA ASP B 457 -28.26 -3.77 -8.49
C ASP B 457 -27.02 -2.95 -8.84
N ALA B 458 -27.18 -1.70 -9.27
CA ALA B 458 -26.05 -0.81 -9.50
C ALA B 458 -25.57 -0.13 -8.23
N THR B 459 -26.12 -0.49 -7.07
CA THR B 459 -25.68 0.09 -5.80
C THR B 459 -24.20 -0.17 -5.58
N VAL B 460 -23.42 0.89 -5.46
CA VAL B 460 -21.98 0.76 -5.28
C VAL B 460 -21.70 0.28 -3.87
N VAL B 461 -21.39 -1.01 -3.74
CA VAL B 461 -21.00 -1.57 -2.46
C VAL B 461 -19.67 -0.95 -2.02
N GLY B 462 -19.45 -0.92 -0.71
CA GLY B 462 -18.22 -0.38 -0.15
C GLY B 462 -17.11 -1.42 -0.08
N GLU B 463 -16.04 -1.04 0.61
CA GLU B 463 -14.95 -1.98 0.86
C GLU B 463 -15.49 -3.16 1.68
N GLY B 464 -15.15 -4.37 1.26
CA GLY B 464 -15.91 -5.50 1.75
C GLY B 464 -17.34 -5.34 1.30
N GLY B 465 -18.27 -5.50 2.24
CA GLY B 465 -19.66 -5.14 2.00
C GLY B 465 -20.15 -4.17 3.04
N THR B 466 -19.28 -3.23 3.42
CA THR B 466 -19.55 -2.36 4.55
C THR B 466 -20.62 -1.32 4.27
N ALA B 467 -20.87 -0.99 3.01
CA ALA B 467 -21.96 -0.09 2.66
C ALA B 467 -23.30 -0.79 2.54
N LEU B 468 -23.39 -2.04 2.98
CA LEU B 468 -24.64 -2.78 3.07
C LEU B 468 -24.76 -3.32 4.48
N SER B 469 -26.00 -3.64 4.88
CA SER B 469 -26.19 -4.25 6.18
C SER B 469 -25.63 -5.68 6.17
N GLY B 470 -25.52 -6.25 7.37
CA GLY B 470 -24.91 -7.57 7.50
C GLY B 470 -25.66 -8.64 6.74
N GLY B 471 -27.00 -8.63 6.82
CA GLY B 471 -27.79 -9.60 6.09
C GLY B 471 -27.95 -9.30 4.62
N GLU B 472 -27.74 -8.05 4.21
CA GLU B 472 -27.85 -7.72 2.79
C GLU B 472 -26.63 -8.22 2.02
N ARG B 473 -25.43 -8.04 2.58
CA ARG B 473 -24.24 -8.56 1.92
C ARG B 473 -24.17 -10.08 2.04
N GLN B 474 -24.78 -10.64 3.08
CA GLN B 474 -24.84 -12.10 3.19
C GLN B 474 -25.67 -12.70 2.07
N ARG B 475 -26.81 -12.09 1.74
CA ARG B 475 -27.62 -12.59 0.64
C ARG B 475 -26.94 -12.37 -0.70
N VAL B 476 -26.12 -11.33 -0.82
CA VAL B 476 -25.36 -11.11 -2.05
C VAL B 476 -24.33 -12.23 -2.23
N SER B 477 -23.74 -12.70 -1.13
CA SER B 477 -22.80 -13.81 -1.22
C SER B 477 -23.51 -15.12 -1.48
N ILE B 478 -24.79 -15.23 -1.08
CA ILE B 478 -25.57 -16.41 -1.42
C ILE B 478 -25.89 -16.43 -2.92
N ALA B 479 -26.30 -15.28 -3.46
CA ALA B 479 -26.59 -15.19 -4.88
C ALA B 479 -25.35 -15.45 -5.71
N ARG B 480 -24.18 -15.07 -5.20
CA ARG B 480 -22.92 -15.38 -5.89
C ARG B 480 -22.70 -16.88 -5.99
N ALA B 481 -22.86 -17.58 -4.87
CA ALA B 481 -22.63 -19.02 -4.85
C ALA B 481 -23.65 -19.77 -5.69
N LEU B 482 -24.93 -19.36 -5.62
CA LEU B 482 -25.96 -20.05 -6.38
C LEU B 482 -25.82 -19.81 -7.87
N LEU B 483 -25.27 -18.66 -8.28
CA LEU B 483 -25.10 -18.40 -9.70
C LEU B 483 -24.06 -19.34 -10.31
N LYS B 484 -23.02 -19.70 -9.56
CA LYS B 484 -22.00 -20.59 -10.07
C LYS B 484 -22.62 -21.96 -10.36
N PRO B 485 -22.34 -22.59 -11.52
CA PRO B 485 -23.01 -23.85 -11.84
C PRO B 485 -22.33 -25.09 -11.24
N ALA B 486 -21.48 -24.89 -10.23
CA ALA B 486 -20.69 -25.99 -9.70
C ALA B 486 -21.60 -27.04 -9.06
N PRO B 487 -21.21 -28.32 -9.08
CA PRO B 487 -22.07 -29.38 -8.55
C PRO B 487 -21.94 -29.66 -7.06
N VAL B 488 -21.18 -28.84 -6.33
CA VAL B 488 -21.06 -28.95 -4.88
C VAL B 488 -21.27 -27.57 -4.29
N LEU B 489 -22.14 -27.48 -3.28
CA LEU B 489 -22.46 -26.24 -2.59
C LEU B 489 -22.12 -26.38 -1.12
N LEU B 490 -21.21 -25.55 -0.64
CA LEU B 490 -20.83 -25.49 0.76
C LEU B 490 -21.41 -24.21 1.36
N VAL B 491 -22.42 -24.36 2.21
CA VAL B 491 -23.12 -23.24 2.82
C VAL B 491 -22.65 -23.15 4.27
N ASP B 492 -21.97 -22.05 4.60
CA ASP B 492 -21.37 -21.85 5.91
C ASP B 492 -22.14 -20.74 6.63
N GLN B 493 -23.21 -21.13 7.31
CA GLN B 493 -24.04 -20.24 8.11
C GLN B 493 -24.50 -19.04 7.28
N ALA B 494 -25.22 -19.35 6.20
CA ALA B 494 -25.61 -18.34 5.22
C ALA B 494 -26.86 -17.56 5.61
N THR B 495 -27.47 -17.87 6.75
CA THR B 495 -28.63 -17.13 7.25
C THR B 495 -28.39 -16.64 8.67
N SER B 496 -27.12 -16.39 9.02
CA SER B 496 -26.79 -15.93 10.37
C SER B 496 -27.29 -14.50 10.60
N ALA B 497 -27.18 -13.65 9.59
CA ALA B 497 -27.53 -12.24 9.70
C ALA B 497 -28.89 -11.92 9.08
N LEU B 498 -29.75 -12.91 8.91
CA LEU B 498 -31.05 -12.75 8.27
C LEU B 498 -32.17 -12.98 9.27
N ASP B 499 -33.25 -12.23 9.11
CA ASP B 499 -34.44 -12.43 9.92
C ASP B 499 -35.10 -13.75 9.57
N ASN B 500 -36.17 -14.07 10.29
CA ASN B 500 -36.85 -15.35 10.08
C ASN B 500 -37.48 -15.43 8.70
N ALA B 501 -38.02 -14.30 8.21
CA ALA B 501 -38.65 -14.30 6.89
C ALA B 501 -37.64 -14.58 5.79
N ASN B 502 -36.45 -13.97 5.88
CA ASN B 502 -35.40 -14.23 4.89
C ASN B 502 -34.72 -15.57 5.13
N GLU B 503 -34.59 -15.99 6.39
CA GLU B 503 -34.03 -17.30 6.68
C GLU B 503 -34.87 -18.41 6.05
N ALA B 504 -36.18 -18.32 6.19
CA ALA B 504 -37.06 -19.35 5.64
C ALA B 504 -37.02 -19.35 4.12
N ALA B 505 -37.05 -18.18 3.50
CA ALA B 505 -37.02 -18.11 2.04
C ALA B 505 -35.69 -18.58 1.49
N VAL B 506 -34.59 -18.23 2.14
CA VAL B 506 -33.27 -18.65 1.66
C VAL B 506 -33.11 -20.16 1.82
N VAL B 507 -33.54 -20.70 2.97
CA VAL B 507 -33.38 -22.13 3.22
C VAL B 507 -34.16 -22.95 2.21
N ASP B 508 -35.40 -22.53 1.91
CA ASP B 508 -36.16 -23.18 0.85
C ASP B 508 -35.50 -22.99 -0.51
N ALA B 509 -34.85 -21.85 -0.72
CA ALA B 509 -34.23 -21.57 -2.01
C ALA B 509 -33.05 -22.51 -2.26
N LEU B 510 -32.28 -22.82 -1.22
CA LEU B 510 -31.15 -23.74 -1.40
C LEU B 510 -31.64 -25.12 -1.84
N THR B 511 -32.75 -25.59 -1.27
CA THR B 511 -33.31 -26.86 -1.69
C THR B 511 -33.97 -26.76 -3.05
N ALA B 512 -34.57 -25.61 -3.37
CA ALA B 512 -35.33 -25.43 -4.59
C ALA B 512 -34.46 -25.08 -5.80
N ASP B 513 -33.14 -25.13 -5.67
CA ASP B 513 -32.27 -24.90 -6.81
C ASP B 513 -32.46 -26.04 -7.82
N PRO B 514 -32.89 -25.78 -9.06
CA PRO B 514 -33.24 -26.92 -9.95
C PRO B 514 -32.08 -27.85 -10.26
N ARG B 515 -30.86 -27.34 -10.43
CA ARG B 515 -29.77 -28.21 -10.86
C ARG B 515 -29.34 -29.12 -9.71
N PRO B 516 -28.79 -30.31 -10.01
CA PRO B 516 -28.33 -31.17 -8.92
C PRO B 516 -27.02 -30.68 -8.32
N ARG B 517 -26.96 -30.70 -6.99
CA ARG B 517 -25.76 -30.36 -6.25
C ARG B 517 -25.64 -31.28 -5.05
N THR B 518 -24.40 -31.56 -4.66
CA THR B 518 -24.10 -32.18 -3.36
C THR B 518 -23.92 -31.05 -2.36
N ARG B 519 -24.93 -30.84 -1.53
CA ARG B 519 -25.00 -29.68 -0.66
C ARG B 519 -24.56 -30.03 0.74
N VAL B 520 -23.66 -29.23 1.29
CA VAL B 520 -23.23 -29.32 2.69
C VAL B 520 -23.54 -27.97 3.33
N ILE B 521 -24.31 -28.00 4.43
CA ILE B 521 -24.81 -26.81 5.08
C ILE B 521 -24.34 -26.81 6.53
N VAL B 522 -23.78 -25.69 6.97
CA VAL B 522 -23.44 -25.47 8.37
C VAL B 522 -24.37 -24.40 8.90
N ALA B 523 -24.97 -24.66 10.07
CA ALA B 523 -25.90 -23.72 10.67
C ALA B 523 -25.93 -23.93 12.17
N HIS B 524 -26.18 -22.83 12.89
CA HIS B 524 -26.44 -22.86 14.32
C HIS B 524 -27.93 -22.74 14.64
N ARG B 525 -28.80 -22.84 13.63
CA ARG B 525 -30.24 -22.77 13.80
C ARG B 525 -30.86 -24.07 13.32
N LEU B 526 -31.84 -24.57 14.08
CA LEU B 526 -32.53 -25.80 13.69
C LEU B 526 -33.32 -25.60 12.41
N ALA B 527 -33.94 -24.43 12.24
CA ALA B 527 -34.77 -24.17 11.07
C ALA B 527 -33.97 -24.00 9.79
N SER B 528 -32.64 -23.92 9.86
CA SER B 528 -31.81 -23.78 8.68
C SER B 528 -31.38 -25.12 8.08
N ILE B 529 -31.71 -26.25 8.73
CA ILE B 529 -31.28 -27.57 8.28
C ILE B 529 -32.48 -28.49 8.14
N ARG B 530 -33.65 -27.92 7.83
CA ARG B 530 -34.86 -28.74 7.71
C ARG B 530 -34.75 -29.72 6.56
N HIS B 531 -34.26 -29.25 5.41
CA HIS B 531 -34.21 -30.06 4.19
C HIS B 531 -32.95 -30.91 4.08
N ALA B 532 -32.17 -31.03 5.15
CA ALA B 532 -30.98 -31.86 5.12
C ALA B 532 -31.36 -33.33 5.24
N ASP B 533 -30.86 -34.15 4.32
CA ASP B 533 -31.10 -35.58 4.34
C ASP B 533 -30.26 -36.30 5.39
N ARG B 534 -29.16 -35.68 5.85
CA ARG B 534 -28.27 -36.28 6.82
C ARG B 534 -27.66 -35.16 7.64
N VAL B 535 -27.24 -35.50 8.86
CA VAL B 535 -26.67 -34.55 9.80
C VAL B 535 -25.36 -35.11 10.32
N LEU B 536 -24.38 -34.23 10.53
CA LEU B 536 -23.09 -34.58 11.12
C LEU B 536 -22.86 -33.69 12.33
N PHE B 537 -22.87 -34.27 13.53
CA PHE B 537 -22.59 -33.51 14.75
C PHE B 537 -21.10 -33.55 15.00
N VAL B 538 -20.43 -32.43 14.75
CA VAL B 538 -18.98 -32.30 14.88
C VAL B 538 -18.69 -31.60 16.20
N GLU B 539 -17.93 -32.26 17.06
CA GLU B 539 -17.53 -31.71 18.35
C GLU B 539 -16.08 -32.04 18.59
N ALA B 540 -15.25 -31.00 18.75
CA ALA B 540 -13.81 -31.15 18.96
C ALA B 540 -13.17 -31.91 17.81
N GLY B 541 -13.62 -31.65 16.59
CA GLY B 541 -13.04 -32.26 15.42
C GLY B 541 -13.34 -33.73 15.25
N ARG B 542 -14.47 -34.19 15.77
CA ARG B 542 -14.89 -35.58 15.64
C ARG B 542 -16.39 -35.62 15.41
N VAL B 543 -16.83 -36.47 14.48
CA VAL B 543 -18.25 -36.66 14.21
C VAL B 543 -18.81 -37.55 15.32
N VAL B 544 -19.40 -36.93 16.34
CA VAL B 544 -19.90 -37.67 17.49
C VAL B 544 -21.06 -38.57 17.08
N GLU B 545 -21.98 -38.07 16.26
CA GLU B 545 -23.09 -38.87 15.77
C GLU B 545 -23.57 -38.29 14.45
N ASP B 546 -24.27 -39.13 13.69
CA ASP B 546 -24.83 -38.71 12.41
C ASP B 546 -26.05 -39.58 12.10
N GLY B 547 -26.87 -39.07 11.19
CA GLY B 547 -28.07 -39.76 10.78
C GLY B 547 -29.14 -38.75 10.36
N ALA B 548 -30.38 -39.22 10.34
CA ALA B 548 -31.49 -38.36 10.00
C ALA B 548 -31.80 -37.41 11.16
N ILE B 549 -32.44 -36.29 10.81
CA ILE B 549 -32.76 -35.27 11.81
C ILE B 549 -33.74 -35.83 12.83
N ASP B 550 -34.81 -36.48 12.35
CA ASP B 550 -35.78 -37.07 13.25
C ASP B 550 -35.17 -38.20 14.06
N GLU B 551 -34.30 -39.01 13.44
CA GLU B 551 -33.66 -40.11 14.15
C GLU B 551 -32.79 -39.60 15.29
N LEU B 552 -32.02 -38.53 15.05
CA LEU B 552 -31.14 -38.02 16.09
C LEU B 552 -31.91 -37.36 17.23
N LEU B 553 -33.04 -36.71 16.93
CA LEU B 553 -33.86 -36.14 17.99
C LEU B 553 -34.41 -37.24 18.89
N ALA B 554 -34.88 -38.34 18.30
CA ALA B 554 -35.41 -39.43 19.10
C ALA B 554 -34.30 -40.14 19.89
N ALA B 555 -33.07 -40.12 19.38
CA ALA B 555 -31.97 -40.81 20.05
C ALA B 555 -31.65 -40.18 21.40
N GLY B 556 -31.97 -38.91 21.60
CA GLY B 556 -31.67 -38.24 22.85
C GLY B 556 -30.20 -38.12 23.15
N GLY B 557 -29.38 -37.91 22.12
CA GLY B 557 -27.94 -37.76 22.28
C GLY B 557 -27.52 -36.31 22.33
N ARG B 558 -26.33 -36.04 21.80
CA ARG B 558 -25.82 -34.67 21.75
C ARG B 558 -26.71 -33.79 20.86
N PHE B 559 -27.18 -34.33 19.74
CA PHE B 559 -27.98 -33.54 18.81
C PHE B 559 -29.28 -33.07 19.46
N ALA B 560 -29.94 -33.94 20.23
CA ALA B 560 -31.14 -33.53 20.94
C ALA B 560 -30.83 -32.49 22.01
N GLN B 561 -29.76 -32.71 22.78
CA GLN B 561 -29.37 -31.74 23.80
C GLN B 561 -28.82 -30.44 23.21
N PHE B 562 -28.33 -30.48 21.97
CA PHE B 562 -27.77 -29.29 21.35
C PHE B 562 -28.83 -28.21 21.16
N TRP B 563 -30.04 -28.61 20.80
CA TRP B 563 -31.15 -27.68 20.57
C TRP B 563 -32.12 -27.63 21.74
N ALA B 564 -31.76 -28.19 22.90
CA ALA B 564 -32.64 -28.17 24.06
C ALA B 564 -32.62 -26.79 24.71
#